data_6EWC
#
_entry.id   6EWC
#
_cell.length_a   117.500
_cell.length_b   117.500
_cell.length_c   203.700
_cell.angle_alpha   90.000
_cell.angle_beta   90.000
_cell.angle_gamma   120.000
#
_symmetry.space_group_name_H-M   'P 32 2 1'
#
loop_
_entity.id
_entity.type
_entity.pdbx_description
1 polymer 'HLA class I histocompatibility antigen, A-2 alpha chain'
2 polymer Beta-2-microglobulin
3 polymer 'Reticulophagy regulator 2'
4 polymer 'Leukocyte immunoglobulin-like receptor subfamily B member 1'
#
loop_
_entity_poly.entity_id
_entity_poly.type
_entity_poly.pdbx_seq_one_letter_code
_entity_poly.pdbx_strand_id
1 'polypeptide(L)'
;GSHSMRYFFTSVSRPGRGEPRFIAVGYVDDTQFVRFDSDAASQRMEPRAPWIEQEGPEYWDGETRKVKAHSQTHRVDLGT
LRGYYNQSEAGSHTVQRMYGCDVGSDWRFLRGYHQYAYDGKDYIALKEDLRSWTAADMAAQTTKHKWEAAHVAEQLRAYL
EGTCVEWLRRYLENGKETLQRTDAPKTHMTHHAVSDHEATLRCWALSFYPAEITLTWQRDGEDQTQDTELVETRPAGDGT
FQKWAAVVVPSGQEQRYTCHVQHEGLPKPLTLRWEP
;
A,E
2 'polypeptide(L)'
;IQRTPKIQVYSRHPAENGKSNFLNCYVSGFHPSDIEVDLLKNGERIEKVEHSDLSFSKDWSFYLLYYTEFTPTEKDEYAC
RVNHVTLSQPKIVKWDRDM
;
B,F
3 'polypeptide(L)' RLSSPLHFV C,G
4 'polypeptide(L)'
;PKPTLWAEPGSVITQGSPVTLRCQGGQETQEYRLYREKKTAPWITRIPQELVKKGQFPIPSITWEHAGRYRCYYGSDTAG
RSESSDPLELVVTGAYIKPTLSAQPSPVVNSGGNVTLQCDSQVAFDGFILCKEGEDEHPQCLNSQPHARGSSRAIFSVGP
VSPSRRWWYRCYAYDSNSPYEWSLPSDLLELLVLG
;
D,H
#
# COMPACT_ATOMS: atom_id res chain seq x y z
N GLY A 1 -13.30 0.31 -1.97
CA GLY A 1 -14.45 1.02 -1.37
C GLY A 1 -14.13 2.48 -1.10
N SER A 2 -14.24 2.89 0.16
CA SER A 2 -13.86 4.25 0.56
C SER A 2 -12.36 4.37 0.66
N HIS A 3 -11.86 5.59 0.47
CA HIS A 3 -10.44 5.87 0.52
C HIS A 3 -10.14 7.21 1.17
N SER A 4 -8.87 7.41 1.49
CA SER A 4 -8.41 8.61 2.17
C SER A 4 -6.96 8.94 1.85
N MET A 5 -6.64 10.23 1.83
CA MET A 5 -5.28 10.70 1.77
C MET A 5 -5.06 11.57 2.99
N ARG A 6 -3.92 11.39 3.64
CA ARG A 6 -3.60 12.18 4.82
C ARG A 6 -2.12 12.53 4.91
N TYR A 7 -1.84 13.73 5.41
CA TYR A 7 -0.48 14.17 5.68
C TYR A 7 -0.29 14.38 7.18
N PHE A 8 0.86 13.94 7.69
CA PHE A 8 1.18 14.06 9.12
C PHE A 8 2.47 14.84 9.32
N PHE A 9 2.33 16.08 9.79
CA PHE A 9 3.47 16.95 10.04
C PHE A 9 3.80 16.90 11.51
N THR A 10 5.09 16.84 11.81
CA THR A 10 5.56 16.77 13.19
C THR A 10 6.80 17.61 13.31
N SER A 11 6.76 18.60 14.19
CA SER A 11 7.90 19.46 14.46
C SER A 11 8.22 19.42 15.93
N VAL A 12 9.51 19.37 16.26
CA VAL A 12 9.97 19.26 17.65
C VAL A 12 11.25 20.09 17.91
N SER A 13 11.14 21.00 18.88
CA SER A 13 12.20 21.94 19.18
C SER A 13 13.36 21.23 19.84
N ARG A 14 14.55 21.79 19.65
CA ARG A 14 15.78 21.25 20.22
C ARG A 14 16.55 22.35 20.96
N PRO A 15 16.06 22.72 22.16
CA PRO A 15 16.62 23.87 22.88
C PRO A 15 18.12 23.79 23.00
N GLY A 16 18.80 24.87 22.61
CA GLY A 16 20.26 24.94 22.63
C GLY A 16 21.00 24.06 21.63
N ARG A 17 20.26 23.36 20.77
CA ARG A 17 20.87 22.45 19.79
C ARG A 17 20.51 22.77 18.34
N GLY A 18 20.20 24.04 18.08
CA GLY A 18 19.90 24.51 16.73
C GLY A 18 18.41 24.51 16.39
N GLU A 19 18.13 24.45 15.10
CA GLU A 19 16.76 24.57 14.60
C GLU A 19 15.92 23.31 14.85
N PRO A 20 14.58 23.46 14.97
CA PRO A 20 13.65 22.35 15.22
C PRO A 20 13.70 21.24 14.18
N ARG A 21 13.29 20.04 14.59
CA ARG A 21 13.29 18.86 13.71
C ARG A 21 11.91 18.69 13.08
N PHE A 22 11.82 18.84 11.76
CA PHE A 22 10.56 18.72 11.02
C PHE A 22 10.50 17.43 10.22
N ILE A 23 9.41 16.69 10.38
CA ILE A 23 9.18 15.47 9.62
C ILE A 23 7.76 15.46 9.06
N ALA A 24 7.66 15.46 7.74
CA ALA A 24 6.38 15.35 7.05
C ALA A 24 6.28 13.97 6.39
N VAL A 25 5.06 13.46 6.34
CA VAL A 25 4.80 12.12 5.85
C VAL A 25 3.41 12.08 5.24
N GLY A 26 3.27 11.38 4.11
CA GLY A 26 2.02 11.32 3.34
C GLY A 26 1.52 9.90 3.16
N TYR A 27 0.21 9.72 3.37
CA TYR A 27 -0.45 8.41 3.29
C TYR A 27 -1.65 8.43 2.35
N VAL A 28 -1.86 7.34 1.63
CA VAL A 28 -3.14 7.04 0.98
C VAL A 28 -3.60 5.73 1.58
N ASP A 29 -4.79 5.73 2.18
CA ASP A 29 -5.24 4.61 3.02
C ASP A 29 -4.13 4.26 4.01
N ASP A 30 -3.84 2.97 4.21
CA ASP A 30 -2.79 2.53 5.14
C ASP A 30 -1.43 2.41 4.47
N THR A 31 -1.21 3.11 3.35
CA THR A 31 0.03 3.07 2.56
C THR A 31 0.72 4.44 2.52
N GLN A 32 1.95 4.51 2.99
CA GLN A 32 2.75 5.73 2.90
C GLN A 32 3.25 5.88 1.48
N PHE A 33 3.36 7.13 1.00
CA PHE A 33 3.86 7.40 -0.35
C PHE A 33 4.86 8.54 -0.51
N VAL A 34 4.97 9.41 0.47
CA VAL A 34 6.01 10.44 0.48
C VAL A 34 6.52 10.68 1.89
N ARG A 35 7.63 11.40 1.96
CA ARG A 35 8.10 11.96 3.22
C ARG A 35 9.16 13.03 3.02
N PHE A 36 9.24 13.93 4.00
CA PHE A 36 10.30 14.92 4.08
C PHE A 36 10.86 14.87 5.47
N ASP A 37 12.19 14.97 5.58
CA ASP A 37 12.87 15.08 6.86
C ASP A 37 13.89 16.19 6.79
N SER A 38 13.79 17.13 7.74
CA SER A 38 14.72 18.28 7.82
C SER A 38 16.14 17.85 8.18
N ASP A 39 16.28 16.75 8.90
CA ASP A 39 17.61 16.23 9.23
C ASP A 39 18.26 15.41 8.14
N ALA A 40 17.47 14.91 7.18
CA ALA A 40 18.01 14.17 6.04
C ALA A 40 18.81 15.11 5.14
N ALA A 41 19.97 14.64 4.70
CA ALA A 41 20.86 15.40 3.83
C ALA A 41 20.24 15.65 2.45
N SER A 42 19.34 14.75 2.05
CA SER A 42 18.49 14.89 0.85
C SER A 42 17.91 16.30 0.67
N GLN A 43 17.30 16.83 1.74
CA GLN A 43 16.68 18.17 1.73
C GLN A 43 15.64 18.32 0.63
N ARG A 44 14.92 17.23 0.37
CA ARG A 44 13.97 17.12 -0.71
C ARG A 44 12.83 16.28 -0.19
N MET A 45 11.64 16.51 -0.75
CA MET A 45 10.49 15.62 -0.53
C MET A 45 10.73 14.35 -1.34
N GLU A 46 10.85 13.22 -0.65
CA GLU A 46 11.23 11.95 -1.28
C GLU A 46 9.99 11.05 -1.45
N PRO A 47 10.03 10.15 -2.46
CA PRO A 47 9.00 9.12 -2.63
C PRO A 47 9.22 7.92 -1.74
N ARG A 48 8.12 7.30 -1.35
CA ARG A 48 8.13 6.07 -0.55
C ARG A 48 7.10 5.05 -1.02
N ALA A 49 6.80 5.12 -2.31
CA ALA A 49 5.92 4.18 -2.97
C ALA A 49 6.25 4.20 -4.46
N PRO A 50 6.12 3.05 -5.13
CA PRO A 50 6.44 3.03 -6.56
C PRO A 50 5.59 3.98 -7.40
N TRP A 51 4.27 3.89 -7.21
CA TRP A 51 3.30 4.64 -8.01
C TRP A 51 3.38 6.18 -7.95
N ILE A 52 4.18 6.73 -7.05
CA ILE A 52 4.42 8.16 -7.00
C ILE A 52 5.71 8.54 -7.74
N GLU A 53 6.64 7.60 -7.89
CA GLU A 53 7.91 7.87 -8.57
C GLU A 53 7.70 8.31 -10.00
N GLN A 54 6.61 7.86 -10.60
CA GLN A 54 6.25 8.26 -11.95
C GLN A 54 5.81 9.73 -12.12
N GLU A 55 5.52 10.43 -11.01
CA GLU A 55 5.25 11.88 -11.07
C GLU A 55 6.49 12.62 -11.53
N GLY A 56 6.28 13.68 -12.30
CA GLY A 56 7.37 14.42 -12.90
C GLY A 56 8.18 15.25 -11.93
N PRO A 57 9.28 15.85 -12.43
CA PRO A 57 10.08 16.76 -11.58
C PRO A 57 9.33 17.97 -11.05
N GLU A 58 8.35 18.47 -11.79
CA GLU A 58 7.53 19.61 -11.38
C GLU A 58 6.88 19.28 -10.05
N TYR A 59 6.36 18.05 -9.96
CA TYR A 59 5.78 17.54 -8.71
C TYR A 59 6.81 17.55 -7.58
N TRP A 60 7.97 16.93 -7.80
CA TRP A 60 8.99 16.86 -6.75
C TRP A 60 9.57 18.24 -6.40
N ASP A 61 9.86 19.04 -7.43
CA ASP A 61 10.27 20.45 -7.25
C ASP A 61 9.28 21.18 -6.36
N GLY A 62 8.02 21.16 -6.78
CA GLY A 62 6.94 21.90 -6.13
C GLY A 62 6.63 21.44 -4.74
N GLU A 63 6.37 20.14 -4.61
CA GLU A 63 6.10 19.51 -3.32
C GLU A 63 7.17 19.87 -2.28
N THR A 64 8.43 19.91 -2.71
CA THR A 64 9.54 20.25 -1.82
C THR A 64 9.44 21.70 -1.36
N ARG A 65 9.27 22.62 -2.30
CA ARG A 65 9.12 24.03 -1.95
C ARG A 65 8.01 24.21 -0.93
N LYS A 66 6.89 23.54 -1.16
CA LYS A 66 5.74 23.59 -0.25
C LYS A 66 6.00 23.00 1.13
N VAL A 67 6.65 21.84 1.18
CA VAL A 67 6.92 21.17 2.46
C VAL A 67 7.91 21.96 3.32
N LYS A 68 8.92 22.56 2.67
CA LYS A 68 9.85 23.49 3.30
C LYS A 68 9.13 24.68 3.95
N ALA A 69 8.24 25.30 3.16
CA ALA A 69 7.40 26.39 3.66
C ALA A 69 6.55 25.97 4.86
N HIS A 70 5.95 24.77 4.78
CA HIS A 70 5.20 24.19 5.92
C HIS A 70 6.06 24.12 7.18
N SER A 71 7.26 23.58 7.06
CA SER A 71 8.15 23.46 8.22
C SER A 71 8.44 24.81 8.86
N GLN A 72 8.65 25.81 8.01
CA GLN A 72 9.03 27.15 8.48
C GLN A 72 7.90 27.85 9.26
N THR A 73 6.65 27.59 8.89
CA THR A 73 5.52 28.13 9.66
C THR A 73 5.44 27.44 11.05
N HIS A 74 5.62 26.13 11.06
CA HIS A 74 5.62 25.37 12.32
C HIS A 74 6.77 25.74 13.23
N ARG A 75 7.90 26.12 12.63
CA ARG A 75 9.06 26.56 13.38
C ARG A 75 8.72 27.79 14.20
N VAL A 76 8.10 28.76 13.55
CA VAL A 76 7.61 29.97 14.21
C VAL A 76 6.56 29.59 15.23
N ASP A 77 5.61 28.73 14.84
CA ASP A 77 4.56 28.27 15.75
C ASP A 77 5.10 27.81 17.11
N LEU A 78 6.19 27.04 17.10
CA LEU A 78 6.82 26.58 18.35
C LEU A 78 7.19 27.71 19.27
N GLY A 79 7.66 28.81 18.69
CA GLY A 79 7.99 30.02 19.44
C GLY A 79 6.76 30.73 19.98
N THR A 80 5.77 30.95 19.12
CA THR A 80 4.55 31.63 19.50
C THR A 80 3.83 30.85 20.60
N LEU A 81 3.83 29.53 20.45
CA LEU A 81 3.09 28.65 21.35
C LEU A 81 3.69 28.61 22.74
N ARG A 82 5.01 28.69 22.81
CA ARG A 82 5.70 28.77 24.08
C ARG A 82 5.33 30.06 24.80
N GLY A 83 5.17 31.13 24.02
CA GLY A 83 4.73 32.41 24.54
C GLY A 83 3.31 32.35 25.05
N TYR A 84 2.40 31.80 24.25
CA TYR A 84 0.97 31.63 24.63
C TYR A 84 0.76 30.93 25.96
N TYR A 85 1.54 29.89 26.21
CA TYR A 85 1.47 29.15 27.47
C TYR A 85 2.56 29.63 28.42
N ASN A 86 3.38 30.57 27.95
CA ASN A 86 4.45 31.14 28.75
C ASN A 86 5.28 30.07 29.48
N GLN A 87 6.09 29.34 28.74
CA GLN A 87 6.96 28.34 29.33
C GLN A 87 8.38 28.87 29.29
N SER A 88 9.27 28.20 30.02
CA SER A 88 10.67 28.57 30.06
C SER A 88 11.32 28.28 28.71
N GLU A 89 12.60 28.60 28.60
CA GLU A 89 13.37 28.33 27.38
C GLU A 89 13.98 26.93 27.38
N ALA A 90 14.25 26.38 28.55
CA ALA A 90 14.64 24.98 28.67
C ALA A 90 13.41 24.12 28.39
N GLY A 91 13.64 22.91 27.91
CA GLY A 91 12.56 21.97 27.65
C GLY A 91 12.05 22.00 26.22
N SER A 92 12.00 20.81 25.60
CA SER A 92 11.59 20.62 24.21
C SER A 92 10.08 20.57 24.13
N HIS A 93 9.52 21.10 23.04
CA HIS A 93 8.07 21.09 22.79
C HIS A 93 7.73 20.59 21.40
N THR A 94 6.49 20.16 21.21
CA THR A 94 6.07 19.47 20.00
C THR A 94 4.82 20.07 19.38
N VAL A 95 4.88 20.37 18.09
CA VAL A 95 3.68 20.68 17.32
C VAL A 95 3.42 19.64 16.24
N GLN A 96 2.15 19.26 16.10
CA GLN A 96 1.71 18.29 15.12
C GLN A 96 0.51 18.81 14.37
N ARG A 97 0.39 18.37 13.13
CA ARG A 97 -0.69 18.77 12.25
C ARG A 97 -1.09 17.60 11.37
N MET A 98 -2.38 17.34 11.29
CA MET A 98 -2.91 16.24 10.49
C MET A 98 -4.03 16.79 9.64
N TYR A 99 -3.91 16.62 8.34
CA TYR A 99 -5.00 16.98 7.44
C TYR A 99 -5.09 16.04 6.27
N GLY A 100 -6.24 16.08 5.60
CA GLY A 100 -6.50 15.25 4.45
C GLY A 100 -7.98 15.11 4.20
N CYS A 101 -8.33 14.19 3.30
CA CYS A 101 -9.70 14.04 2.85
C CYS A 101 -10.12 12.56 2.72
N ASP A 102 -11.44 12.33 2.77
CA ASP A 102 -12.06 11.02 2.60
C ASP A 102 -12.92 11.02 1.33
N VAL A 103 -12.97 9.89 0.65
CA VAL A 103 -13.89 9.68 -0.49
C VAL A 103 -14.73 8.44 -0.28
N GLY A 104 -15.96 8.46 -0.77
CA GLY A 104 -16.87 7.30 -0.67
C GLY A 104 -16.51 6.19 -1.65
N SER A 105 -17.36 5.16 -1.74
CA SER A 105 -17.21 4.09 -2.77
C SER A 105 -17.24 4.67 -4.19
N ASP A 106 -18.02 5.74 -4.36
CA ASP A 106 -18.16 6.47 -5.62
C ASP A 106 -17.00 7.42 -5.92
N TRP A 107 -15.99 7.48 -5.04
CA TRP A 107 -14.81 8.36 -5.18
C TRP A 107 -15.12 9.88 -5.07
N ARG A 108 -16.36 10.20 -4.73
CA ARG A 108 -16.75 11.59 -4.49
C ARG A 108 -16.40 12.02 -3.07
N PHE A 109 -16.16 13.30 -2.88
CA PHE A 109 -15.80 13.86 -1.57
C PHE A 109 -16.81 13.47 -0.49
N LEU A 110 -16.29 13.02 0.64
CA LEU A 110 -17.09 12.56 1.77
C LEU A 110 -16.86 13.42 3.01
N ARG A 111 -15.60 13.61 3.38
CA ARG A 111 -15.26 14.33 4.58
C ARG A 111 -13.88 14.96 4.44
N GLY A 112 -13.70 16.12 5.04
CA GLY A 112 -12.39 16.77 5.16
C GLY A 112 -12.07 17.05 6.62
N TYR A 113 -10.80 17.09 6.96
CA TYR A 113 -10.37 17.35 8.34
C TYR A 113 -9.01 18.04 8.39
N HIS A 114 -8.79 18.77 9.47
CA HIS A 114 -7.57 19.52 9.69
C HIS A 114 -7.41 19.80 11.16
N GLN A 115 -6.40 19.19 11.77
CA GLN A 115 -6.23 19.26 13.21
C GLN A 115 -4.82 19.71 13.54
N TYR A 116 -4.71 20.48 14.62
CA TYR A 116 -3.43 20.96 15.14
C TYR A 116 -3.30 20.52 16.60
N ALA A 117 -2.07 20.23 17.03
CA ALA A 117 -1.82 19.83 18.43
C ALA A 117 -0.51 20.35 18.99
N TYR A 118 -0.55 20.81 20.23
CA TYR A 118 0.64 21.23 20.95
C TYR A 118 0.92 20.25 22.06
N ASP A 119 2.19 19.85 22.18
CA ASP A 119 2.68 18.91 23.19
C ASP A 119 1.69 17.77 23.47
N GLY A 120 1.25 17.12 22.41
CA GLY A 120 0.42 15.94 22.53
C GLY A 120 -1.08 16.14 22.76
N LYS A 121 -1.52 17.36 23.07
CA LYS A 121 -2.96 17.62 23.29
C LYS A 121 -3.57 18.36 22.11
N ASP A 122 -4.85 18.12 21.86
CA ASP A 122 -5.61 18.90 20.88
C ASP A 122 -5.36 20.39 21.12
N TYR A 123 -5.07 21.15 20.07
CA TYR A 123 -4.94 22.62 20.19
C TYR A 123 -6.15 23.32 19.52
N ILE A 124 -6.20 23.27 18.20
CA ILE A 124 -7.34 23.76 17.43
C ILE A 124 -7.68 22.69 16.40
N ALA A 125 -8.95 22.64 16.01
CA ALA A 125 -9.38 21.74 14.95
C ALA A 125 -10.41 22.43 14.06
N LEU A 126 -10.37 22.14 12.76
CA LEU A 126 -11.41 22.57 11.84
C LEU A 126 -12.58 21.62 12.01
N LYS A 127 -13.79 22.16 12.05
CA LYS A 127 -15.00 21.33 12.24
C LYS A 127 -15.41 20.63 10.95
N GLU A 128 -16.38 19.72 11.08
CA GLU A 128 -16.97 19.00 9.94
C GLU A 128 -17.39 19.90 8.76
N ASP A 129 -18.05 21.01 9.07
CA ASP A 129 -18.60 21.91 8.04
C ASP A 129 -17.54 22.64 7.22
N LEU A 130 -16.27 22.53 7.64
CA LEU A 130 -15.13 23.18 6.99
C LEU A 130 -15.25 24.71 6.93
N ARG A 131 -16.13 25.24 7.79
CA ARG A 131 -16.47 26.66 7.85
C ARG A 131 -16.03 27.28 9.17
N SER A 132 -16.09 26.53 10.26
CA SER A 132 -15.80 27.01 11.60
C SER A 132 -14.73 26.17 12.29
N TRP A 133 -14.19 26.71 13.37
CA TRP A 133 -13.11 26.07 14.11
C TRP A 133 -13.60 25.56 15.46
N THR A 134 -12.73 24.79 16.13
CA THR A 134 -12.94 24.35 17.51
C THR A 134 -11.69 24.72 18.27
N ALA A 135 -11.74 25.87 18.94
CA ALA A 135 -10.65 26.30 19.79
C ALA A 135 -10.79 25.63 21.14
N ALA A 136 -10.33 24.38 21.22
CA ALA A 136 -10.41 23.62 22.46
C ALA A 136 -10.11 24.46 23.70
N ASP A 137 -8.86 24.92 23.82
CA ASP A 137 -8.43 25.65 25.01
C ASP A 137 -8.56 27.16 24.85
N MET A 138 -8.09 27.90 25.86
CA MET A 138 -8.16 29.35 25.87
C MET A 138 -7.23 29.94 24.81
N ALA A 139 -5.93 29.80 25.02
CA ALA A 139 -4.94 30.32 24.07
C ALA A 139 -5.28 30.02 22.62
N ALA A 140 -5.87 28.85 22.37
CA ALA A 140 -6.29 28.44 21.02
C ALA A 140 -7.28 29.41 20.38
N GLN A 141 -8.04 30.13 21.21
CA GLN A 141 -9.02 31.11 20.72
C GLN A 141 -8.35 32.31 20.06
N THR A 142 -7.13 32.64 20.50
CA THR A 142 -6.33 33.69 19.87
C THR A 142 -6.07 33.31 18.42
N THR A 143 -5.53 32.11 18.23
CA THR A 143 -5.29 31.53 16.90
C THR A 143 -6.59 31.52 16.10
N LYS A 144 -7.62 30.92 16.68
CA LYS A 144 -8.95 30.91 16.06
C LYS A 144 -9.35 32.26 15.45
N HIS A 145 -9.12 33.35 16.18
CA HIS A 145 -9.49 34.70 15.71
C HIS A 145 -8.66 35.14 14.51
N LYS A 146 -7.34 34.93 14.58
CA LYS A 146 -6.43 35.18 13.44
C LYS A 146 -6.92 34.45 12.17
N TRP A 147 -7.19 33.17 12.35
CA TRP A 147 -7.59 32.26 11.26
C TRP A 147 -9.01 32.54 10.73
N GLU A 148 -9.88 33.08 11.58
CA GLU A 148 -11.17 33.59 11.13
C GLU A 148 -10.96 34.84 10.28
N ALA A 149 -10.13 35.75 10.80
CA ALA A 149 -9.79 37.01 10.13
C ALA A 149 -9.12 36.82 8.76
N ALA A 150 -8.22 35.85 8.67
CA ALA A 150 -7.53 35.50 7.40
C ALA A 150 -8.30 34.48 6.53
N HIS A 151 -9.54 34.15 6.89
CA HIS A 151 -10.40 33.23 6.14
C HIS A 151 -9.71 31.89 5.81
N VAL A 152 -8.93 31.40 6.77
CA VAL A 152 -8.16 30.16 6.61
C VAL A 152 -9.05 28.96 6.25
N ALA A 153 -10.18 28.82 6.94
CA ALA A 153 -11.13 27.74 6.69
C ALA A 153 -11.63 27.66 5.25
N GLU A 154 -11.79 28.82 4.61
CA GLU A 154 -12.24 28.90 3.19
C GLU A 154 -11.22 28.32 2.21
N GLN A 155 -9.94 28.67 2.38
CA GLN A 155 -8.89 28.14 1.51
C GLN A 155 -8.60 26.68 1.81
N LEU A 156 -8.79 26.30 3.08
CA LEU A 156 -8.69 24.88 3.46
C LEU A 156 -9.80 24.07 2.82
N ARG A 157 -11.03 24.54 2.97
CA ARG A 157 -12.18 23.89 2.36
C ARG A 157 -11.94 23.74 0.88
N ALA A 158 -11.55 24.83 0.23
CA ALA A 158 -11.19 24.83 -1.18
C ALA A 158 -10.22 23.71 -1.51
N TYR A 159 -9.15 23.58 -0.72
CA TYR A 159 -8.16 22.49 -0.90
C TYR A 159 -8.74 21.11 -0.66
N LEU A 160 -9.47 20.95 0.45
CA LEU A 160 -9.99 19.65 0.86
C LEU A 160 -11.04 19.09 -0.09
N GLU A 161 -11.93 19.94 -0.60
CA GLU A 161 -12.94 19.53 -1.57
C GLU A 161 -12.41 19.54 -3.00
N GLY A 162 -11.34 20.29 -3.23
CA GLY A 162 -10.72 20.43 -4.55
C GLY A 162 -9.54 19.50 -4.74
N THR A 163 -8.33 20.06 -4.67
CA THR A 163 -7.10 19.33 -5.05
C THR A 163 -6.84 18.06 -4.22
N CYS A 164 -7.20 18.06 -2.94
CA CYS A 164 -7.03 16.88 -2.09
C CYS A 164 -7.72 15.66 -2.69
N VAL A 165 -9.00 15.80 -2.97
CA VAL A 165 -9.82 14.72 -3.49
C VAL A 165 -9.37 14.33 -4.89
N GLU A 166 -9.20 15.34 -5.74
CA GLU A 166 -8.78 15.15 -7.13
C GLU A 166 -7.46 14.37 -7.25
N TRP A 167 -6.48 14.76 -6.45
CA TRP A 167 -5.19 14.06 -6.44
C TRP A 167 -5.24 12.69 -5.73
N LEU A 168 -6.14 12.51 -4.77
CA LEU A 168 -6.35 11.19 -4.18
C LEU A 168 -6.85 10.23 -5.25
N ARG A 169 -7.84 10.66 -6.02
CA ARG A 169 -8.39 9.90 -7.13
C ARG A 169 -7.31 9.55 -8.14
N ARG A 170 -6.46 10.52 -8.44
CA ARG A 170 -5.33 10.31 -9.34
C ARG A 170 -4.36 9.26 -8.80
N TYR A 171 -4.03 9.38 -7.52
CA TYR A 171 -3.14 8.43 -6.84
C TYR A 171 -3.68 7.01 -6.84
N LEU A 172 -4.98 6.90 -6.56
CA LEU A 172 -5.68 5.61 -6.62
C LEU A 172 -5.60 4.94 -8.00
N GLU A 173 -5.61 5.74 -9.06
CA GLU A 173 -5.47 5.23 -10.41
C GLU A 173 -4.03 4.78 -10.70
N ASN A 174 -3.07 5.65 -10.43
CA ASN A 174 -1.65 5.33 -10.61
C ASN A 174 -1.21 4.11 -9.81
N GLY A 175 -1.69 4.00 -8.58
CA GLY A 175 -1.34 2.90 -7.68
C GLY A 175 -2.40 1.83 -7.59
N LYS A 176 -3.21 1.67 -8.64
CA LYS A 176 -4.30 0.70 -8.70
C LYS A 176 -3.91 -0.68 -8.16
N GLU A 177 -2.77 -1.18 -8.61
CA GLU A 177 -2.28 -2.49 -8.19
C GLU A 177 -2.08 -2.65 -6.67
N THR A 178 -1.60 -1.57 -6.04
CA THR A 178 -1.32 -1.52 -4.60
C THR A 178 -2.52 -1.11 -3.75
N LEU A 179 -3.17 -0.03 -4.17
CA LEU A 179 -4.18 0.62 -3.33
C LEU A 179 -5.59 0.04 -3.42
N GLN A 180 -5.99 -0.41 -4.61
CA GLN A 180 -7.35 -0.95 -4.84
C GLN A 180 -7.49 -2.47 -4.63
N ARG A 181 -6.37 -3.15 -4.40
CA ARG A 181 -6.34 -4.60 -4.19
C ARG A 181 -6.12 -4.93 -2.70
N THR A 182 -6.72 -6.04 -2.26
CA THR A 182 -6.66 -6.45 -0.86
C THR A 182 -5.82 -7.71 -0.69
N ASP A 183 -5.19 -7.83 0.47
CA ASP A 183 -4.47 -9.04 0.85
C ASP A 183 -5.24 -9.71 1.99
N ALA A 184 -5.88 -10.84 1.67
CA ALA A 184 -6.63 -11.61 2.66
C ALA A 184 -5.69 -12.16 3.74
N PRO A 185 -6.15 -12.20 5.01
CA PRO A 185 -5.29 -12.66 6.08
C PRO A 185 -5.01 -14.15 6.02
N LYS A 186 -3.73 -14.51 6.20
CA LYS A 186 -3.30 -15.89 6.41
C LYS A 186 -3.47 -16.19 7.91
N THR A 187 -4.22 -17.24 8.23
CA THR A 187 -4.62 -17.51 9.62
C THR A 187 -4.15 -18.85 10.13
N HIS A 188 -3.94 -18.94 11.44
CA HIS A 188 -3.64 -20.20 12.13
C HIS A 188 -3.79 -20.03 13.65
N MET A 189 -3.96 -21.14 14.35
CA MET A 189 -4.10 -21.12 15.80
C MET A 189 -2.93 -21.80 16.47
N THR A 190 -2.45 -21.25 17.59
CA THR A 190 -1.39 -21.88 18.39
C THR A 190 -1.91 -22.19 19.79
N HIS A 191 -1.27 -23.14 20.46
CA HIS A 191 -1.71 -23.63 21.76
C HIS A 191 -0.56 -23.59 22.76
N HIS A 192 -0.79 -23.00 23.93
CA HIS A 192 0.20 -22.97 25.02
C HIS A 192 -0.42 -23.24 26.37
N ALA A 193 0.16 -24.20 27.09
CA ALA A 193 -0.31 -24.50 28.41
C ALA A 193 0.05 -23.36 29.35
N VAL A 194 -0.93 -22.91 30.11
CA VAL A 194 -0.71 -21.95 31.19
C VAL A 194 -0.32 -22.76 32.41
N SER A 195 -1.14 -23.78 32.71
CA SER A 195 -0.95 -24.69 33.83
C SER A 195 -1.26 -26.11 33.34
N ASP A 196 -1.72 -26.99 34.23
CA ASP A 196 -2.27 -28.27 33.80
C ASP A 196 -3.80 -28.24 33.63
N HIS A 197 -4.48 -27.24 34.20
CA HIS A 197 -5.92 -27.04 34.00
C HIS A 197 -6.28 -25.85 33.11
N GLU A 198 -5.29 -25.06 32.70
CA GLU A 198 -5.52 -23.93 31.80
C GLU A 198 -4.52 -23.94 30.64
N ALA A 199 -5.02 -23.57 29.46
CA ALA A 199 -4.22 -23.42 28.26
C ALA A 199 -4.66 -22.18 27.48
N THR A 200 -3.71 -21.57 26.80
CA THR A 200 -3.97 -20.42 25.95
C THR A 200 -4.21 -20.89 24.54
N LEU A 201 -5.28 -20.39 23.93
CA LEU A 201 -5.50 -20.51 22.49
C LEU A 201 -5.27 -19.16 21.86
N ARG A 202 -4.39 -19.09 20.86
CA ARG A 202 -4.09 -17.85 20.16
C ARG A 202 -4.50 -17.96 18.70
N CYS A 203 -5.25 -16.96 18.22
CA CYS A 203 -5.69 -16.86 16.85
C CYS A 203 -4.83 -15.83 16.13
N TRP A 204 -4.30 -16.19 14.97
CA TRP A 204 -3.38 -15.32 14.22
C TRP A 204 -4.00 -14.85 12.92
N ALA A 205 -3.58 -13.66 12.51
CA ALA A 205 -3.87 -13.13 11.19
C ALA A 205 -2.60 -12.45 10.73
N LEU A 206 -2.08 -12.90 9.57
CA LEU A 206 -0.82 -12.40 9.01
C LEU A 206 -0.97 -11.96 7.56
N SER A 207 0.00 -11.18 7.09
CA SER A 207 0.07 -10.70 5.72
C SER A 207 -1.23 -10.12 5.16
N PHE A 208 -1.92 -9.26 5.93
CA PHE A 208 -3.19 -8.66 5.47
C PHE A 208 -3.13 -7.14 5.25
N TYR A 209 -3.88 -6.70 4.24
CA TYR A 209 -4.02 -5.28 3.88
C TYR A 209 -5.47 -5.09 3.41
N PRO A 210 -6.18 -4.06 3.86
CA PRO A 210 -5.69 -3.00 4.75
C PRO A 210 -5.64 -3.42 6.22
N ALA A 211 -5.17 -2.53 7.09
CA ALA A 211 -4.94 -2.83 8.50
C ALA A 211 -6.22 -3.09 9.32
N GLU A 212 -7.35 -2.63 8.81
CA GLU A 212 -8.61 -2.82 9.50
C GLU A 212 -8.91 -4.29 9.57
N ILE A 213 -9.21 -4.80 10.78
CA ILE A 213 -9.53 -6.22 10.98
C ILE A 213 -10.24 -6.44 12.33
N THR A 214 -10.98 -7.53 12.44
CA THR A 214 -11.59 -7.95 13.73
C THR A 214 -11.34 -9.44 13.96
N LEU A 215 -10.72 -9.76 15.10
CA LEU A 215 -10.55 -11.13 15.56
C LEU A 215 -11.34 -11.29 16.84
N THR A 216 -12.24 -12.27 16.88
CA THR A 216 -12.99 -12.57 18.11
C THR A 216 -12.93 -14.07 18.40
N TRP A 217 -12.96 -14.40 19.68
CA TRP A 217 -13.03 -15.78 20.15
C TRP A 217 -14.45 -16.09 20.56
N GLN A 218 -14.84 -17.35 20.37
CA GLN A 218 -16.16 -17.82 20.77
C GLN A 218 -16.10 -19.19 21.43
N ARG A 219 -16.81 -19.34 22.55
CA ARG A 219 -17.01 -20.63 23.20
C ARG A 219 -18.45 -21.09 22.95
N ASP A 220 -18.58 -22.21 22.22
CA ASP A 220 -19.88 -22.77 21.84
C ASP A 220 -20.76 -21.73 21.18
N GLY A 221 -20.22 -21.03 20.17
CA GLY A 221 -20.96 -19.97 19.48
C GLY A 221 -21.11 -18.64 20.20
N GLU A 222 -20.93 -18.61 21.54
CA GLU A 222 -21.10 -17.41 22.36
C GLU A 222 -19.77 -16.64 22.47
N ASP A 223 -19.83 -15.33 22.27
CA ASP A 223 -18.64 -14.45 22.24
C ASP A 223 -17.97 -14.36 23.60
N GLN A 224 -16.65 -14.31 23.60
CA GLN A 224 -15.84 -14.30 24.82
C GLN A 224 -15.07 -12.99 24.96
N THR A 225 -15.74 -11.88 24.62
CA THR A 225 -15.09 -10.57 24.46
C THR A 225 -14.25 -10.09 25.65
N GLN A 226 -14.61 -10.56 26.85
CA GLN A 226 -13.98 -10.10 28.08
C GLN A 226 -12.66 -10.76 28.41
N ASP A 227 -12.55 -12.07 28.13
CA ASP A 227 -11.34 -12.82 28.43
C ASP A 227 -10.34 -12.87 27.27
N THR A 228 -10.69 -12.24 26.15
CA THR A 228 -9.84 -12.18 24.96
C THR A 228 -8.77 -11.09 25.13
N GLU A 229 -7.52 -11.41 24.79
CA GLU A 229 -6.44 -10.43 24.74
C GLU A 229 -6.11 -10.13 23.28
N LEU A 230 -6.32 -8.88 22.85
CA LEU A 230 -5.89 -8.40 21.54
C LEU A 230 -4.54 -7.69 21.65
N VAL A 231 -3.75 -7.70 20.58
CA VAL A 231 -2.54 -6.88 20.49
C VAL A 231 -2.80 -5.79 19.48
N GLU A 232 -2.13 -4.67 19.65
CA GLU A 232 -2.21 -3.59 18.68
C GLU A 232 -1.86 -4.15 17.30
N THR A 233 -2.69 -3.86 16.31
CA THR A 233 -2.42 -4.29 14.95
C THR A 233 -1.11 -3.67 14.48
N ARG A 234 -0.19 -4.51 14.05
CA ARG A 234 1.20 -4.09 13.79
C ARG A 234 1.59 -4.28 12.33
N PRO A 235 2.54 -3.46 11.84
CA PRO A 235 3.03 -3.59 10.47
C PRO A 235 4.07 -4.71 10.31
N ALA A 236 3.93 -5.49 9.24
CA ALA A 236 4.88 -6.55 8.89
C ALA A 236 6.20 -5.96 8.41
N GLY A 237 6.15 -4.77 7.80
CA GLY A 237 7.33 -4.10 7.26
C GLY A 237 7.35 -4.18 5.75
N ASP A 238 6.62 -5.14 5.20
CA ASP A 238 6.51 -5.33 3.76
C ASP A 238 5.24 -4.70 3.22
N GLY A 239 4.53 -3.92 4.04
CA GLY A 239 3.32 -3.22 3.62
C GLY A 239 2.02 -3.92 4.01
N THR A 240 2.12 -5.10 4.62
CA THR A 240 0.97 -5.80 5.21
C THR A 240 1.02 -5.68 6.72
N PHE A 241 -0.04 -6.16 7.37
CA PHE A 241 -0.19 -6.05 8.81
C PHE A 241 -0.41 -7.40 9.47
N GLN A 242 -0.28 -7.40 10.79
CA GLN A 242 -0.43 -8.58 11.63
C GLN A 242 -1.21 -8.24 12.87
N LYS A 243 -2.01 -9.18 13.34
CA LYS A 243 -2.73 -9.07 14.61
C LYS A 243 -3.05 -10.46 15.12
N TRP A 244 -2.96 -10.65 16.44
CA TRP A 244 -3.45 -11.87 17.04
C TRP A 244 -4.39 -11.60 18.22
N ALA A 245 -5.28 -12.56 18.48
CA ALA A 245 -6.20 -12.53 19.62
C ALA A 245 -6.09 -13.85 20.37
N ALA A 246 -5.99 -13.80 21.70
CA ALA A 246 -5.83 -15.02 22.49
C ALA A 246 -6.80 -15.13 23.66
N VAL A 247 -7.17 -16.35 24.06
CA VAL A 247 -7.96 -16.62 25.27
C VAL A 247 -7.39 -17.74 26.10
N VAL A 248 -7.71 -17.68 27.39
CA VAL A 248 -7.35 -18.72 28.33
C VAL A 248 -8.53 -19.67 28.41
N VAL A 249 -8.23 -20.95 28.23
CA VAL A 249 -9.21 -21.97 28.09
C VAL A 249 -8.93 -23.01 29.17
N PRO A 250 -9.99 -23.63 29.72
CA PRO A 250 -9.74 -24.80 30.59
C PRO A 250 -9.21 -26.00 29.80
N SER A 251 -8.13 -26.60 30.28
CA SER A 251 -7.53 -27.80 29.65
C SER A 251 -8.55 -28.89 29.39
N GLY A 252 -8.58 -29.36 28.14
CA GLY A 252 -9.52 -30.39 27.72
C GLY A 252 -10.84 -29.83 27.25
N GLN A 253 -10.91 -28.53 26.99
CA GLN A 253 -12.10 -27.91 26.42
C GLN A 253 -11.83 -27.03 25.18
N GLU A 254 -10.59 -27.06 24.68
CA GLU A 254 -10.15 -26.23 23.55
C GLU A 254 -11.11 -26.35 22.38
N GLN A 255 -11.59 -27.57 22.16
CA GLN A 255 -12.56 -27.88 21.10
C GLN A 255 -13.83 -27.05 21.08
N ARG A 256 -14.25 -26.55 22.24
CA ARG A 256 -15.40 -25.66 22.34
C ARG A 256 -15.16 -24.28 21.71
N TYR A 257 -13.90 -23.95 21.40
CA TYR A 257 -13.52 -22.61 21.01
C TYR A 257 -13.32 -22.43 19.50
N THR A 258 -13.77 -21.28 19.00
CA THR A 258 -13.65 -20.91 17.59
C THR A 258 -13.18 -19.46 17.46
N CYS A 259 -12.49 -19.17 16.37
CA CYS A 259 -11.96 -17.85 16.08
C CYS A 259 -12.62 -17.30 14.83
N HIS A 260 -13.03 -16.04 14.88
CA HIS A 260 -13.76 -15.41 13.77
C HIS A 260 -12.99 -14.22 13.24
N VAL A 261 -12.59 -14.31 11.97
CA VAL A 261 -11.82 -13.27 11.29
C VAL A 261 -12.75 -12.48 10.39
N GLN A 262 -12.58 -11.15 10.37
CA GLN A 262 -13.35 -10.25 9.50
C GLN A 262 -12.42 -9.28 8.79
N HIS A 263 -12.55 -9.17 7.47
CA HIS A 263 -11.61 -8.43 6.64
C HIS A 263 -12.12 -8.35 5.20
N GLU A 264 -11.78 -7.26 4.52
CA GLU A 264 -12.22 -7.01 3.12
C GLU A 264 -11.69 -8.00 2.09
N GLY A 265 -10.47 -8.45 2.31
CA GLY A 265 -9.82 -9.50 1.53
C GLY A 265 -10.55 -10.82 1.52
N LEU A 266 -11.28 -11.11 2.60
CA LEU A 266 -12.08 -12.32 2.70
C LEU A 266 -13.44 -12.09 2.05
N PRO A 267 -13.85 -12.97 1.12
CA PRO A 267 -15.19 -12.88 0.53
C PRO A 267 -16.29 -13.03 1.58
N LYS A 268 -16.10 -13.97 2.50
CA LYS A 268 -17.00 -14.16 3.64
C LYS A 268 -16.17 -14.36 4.91
N PRO A 269 -16.76 -14.01 6.06
CA PRO A 269 -16.05 -14.11 7.36
C PRO A 269 -15.60 -15.54 7.72
N LEU A 270 -14.29 -15.74 7.91
CA LEU A 270 -13.76 -17.06 8.25
C LEU A 270 -14.08 -17.44 9.70
N THR A 271 -14.48 -18.69 9.89
CA THR A 271 -14.65 -19.29 11.22
C THR A 271 -13.67 -20.45 11.36
N LEU A 272 -12.76 -20.32 12.33
CA LEU A 272 -11.70 -21.31 12.55
C LEU A 272 -11.92 -22.10 13.83
N ARG A 273 -12.20 -23.39 13.69
CA ARG A 273 -12.31 -24.32 14.81
C ARG A 273 -10.94 -24.77 15.26
N TRP A 274 -10.73 -24.80 16.58
CA TRP A 274 -9.53 -25.43 17.13
C TRP A 274 -9.50 -26.92 16.76
N GLU A 275 -10.68 -27.55 16.84
CA GLU A 275 -10.85 -28.96 16.51
C GLU A 275 -11.98 -29.08 15.49
N PRO A 276 -11.60 -29.23 14.21
CA PRO A 276 -12.55 -29.39 13.12
C PRO A 276 -13.55 -30.51 13.39
N ILE B 1 1.54 16.58 28.81
CA ILE B 1 1.33 15.12 29.11
C ILE B 1 2.20 14.18 28.23
N GLN B 2 2.79 13.17 28.85
CA GLN B 2 3.65 12.20 28.17
C GLN B 2 3.05 10.82 28.13
N ARG B 3 3.53 10.00 27.18
CA ARG B 3 3.07 8.62 27.00
C ARG B 3 4.22 7.67 26.83
N THR B 4 4.14 6.52 27.51
CA THR B 4 5.20 5.50 27.48
C THR B 4 4.98 4.53 26.31
N PRO B 5 6.06 4.15 25.59
CA PRO B 5 5.87 3.37 24.37
C PRO B 5 5.46 1.94 24.64
N LYS B 6 4.63 1.41 23.76
CA LYS B 6 4.27 0.00 23.72
C LYS B 6 5.25 -0.68 22.78
N ILE B 7 5.95 -1.70 23.28
CA ILE B 7 6.90 -2.44 22.48
C ILE B 7 6.30 -3.76 22.01
N GLN B 8 6.54 -4.11 20.75
CA GLN B 8 6.25 -5.46 20.23
C GLN B 8 7.42 -5.93 19.38
N VAL B 9 8.01 -7.07 19.73
CA VAL B 9 9.08 -7.68 18.96
C VAL B 9 8.59 -8.95 18.27
N TYR B 10 8.76 -8.98 16.96
CA TYR B 10 8.23 -10.06 16.14
C TYR B 10 9.03 -10.12 14.84
N SER B 11 8.78 -11.15 14.04
CA SER B 11 9.44 -11.27 12.75
C SER B 11 8.44 -10.96 11.63
N ARG B 12 8.95 -10.53 10.48
CA ARG B 12 8.12 -10.21 9.32
C ARG B 12 7.33 -11.43 8.86
N HIS B 13 8.06 -12.49 8.51
CA HIS B 13 7.49 -13.77 8.07
C HIS B 13 7.65 -14.81 9.18
N PRO B 14 6.78 -15.85 9.18
CA PRO B 14 6.87 -16.88 10.23
C PRO B 14 8.28 -17.44 10.34
N ALA B 15 8.77 -17.54 11.57
CA ALA B 15 10.18 -17.88 11.82
C ALA B 15 10.51 -19.31 11.43
N GLU B 16 11.58 -19.48 10.65
CA GLU B 16 12.08 -20.78 10.24
C GLU B 16 13.60 -20.72 10.29
N ASN B 17 14.19 -21.46 11.23
CA ASN B 17 15.64 -21.43 11.52
C ASN B 17 16.60 -21.21 10.33
N GLY B 18 16.49 -22.02 9.30
CA GLY B 18 17.37 -21.88 8.14
C GLY B 18 17.14 -20.59 7.36
N LYS B 19 15.87 -20.40 7.00
CA LYS B 19 15.38 -19.31 6.13
C LYS B 19 15.66 -17.91 6.67
N SER B 20 15.70 -16.93 5.75
CA SER B 20 15.90 -15.53 6.13
C SER B 20 14.59 -14.79 6.35
N ASN B 21 14.69 -13.80 7.24
CA ASN B 21 13.55 -13.05 7.73
C ASN B 21 13.95 -11.61 8.00
N PHE B 22 13.01 -10.86 8.56
CA PHE B 22 13.26 -9.54 9.13
C PHE B 22 12.82 -9.52 10.60
N LEU B 23 13.66 -8.98 11.48
CA LEU B 23 13.33 -8.82 12.90
C LEU B 23 12.73 -7.43 13.13
N ASN B 24 11.46 -7.37 13.52
CA ASN B 24 10.75 -6.11 13.74
C ASN B 24 10.66 -5.72 15.23
N CYS B 25 10.72 -4.42 15.49
CA CYS B 25 10.40 -3.86 16.80
C CYS B 25 9.48 -2.65 16.63
N TYR B 26 8.21 -2.83 17.01
CA TYR B 26 7.19 -1.80 16.80
C TYR B 26 6.88 -1.10 18.12
N VAL B 27 7.40 0.13 18.24
CA VAL B 27 7.12 1.02 19.35
C VAL B 27 6.03 1.99 18.93
N SER B 28 5.06 2.19 19.80
CA SER B 28 3.85 2.93 19.45
C SER B 28 3.15 3.50 20.69
N GLY B 29 2.31 4.48 20.45
CA GLY B 29 1.49 5.07 21.50
C GLY B 29 2.28 5.85 22.52
N PHE B 30 3.33 6.55 22.07
CA PHE B 30 4.21 7.30 22.96
C PHE B 30 4.27 8.77 22.63
N HIS B 31 4.82 9.53 23.58
CA HIS B 31 5.05 10.99 23.44
C HIS B 31 6.00 11.49 24.54
N PRO B 32 7.03 12.28 24.22
CA PRO B 32 7.37 12.86 22.92
C PRO B 32 8.01 11.90 21.90
N SER B 33 8.35 12.44 20.73
CA SER B 33 8.83 11.66 19.59
C SER B 33 10.24 11.08 19.73
N ASP B 34 11.06 11.71 20.56
CA ASP B 34 12.44 11.25 20.73
C ASP B 34 12.45 9.89 21.43
N ILE B 35 13.13 8.92 20.83
CA ILE B 35 13.18 7.53 21.32
C ILE B 35 14.41 6.77 20.80
N GLU B 36 14.98 5.92 21.65
CA GLU B 36 16.12 5.08 21.29
C GLU B 36 15.68 3.63 21.24
N VAL B 37 15.83 3.03 20.07
CA VAL B 37 15.40 1.66 19.81
C VAL B 37 16.57 0.91 19.17
N ASP B 38 17.04 -0.13 19.83
CA ASP B 38 18.08 -0.99 19.30
C ASP B 38 17.60 -2.40 19.14
N LEU B 39 18.18 -3.10 18.17
CA LEU B 39 17.95 -4.53 18.00
C LEU B 39 19.18 -5.26 18.48
N LEU B 40 18.96 -6.29 19.31
CA LEU B 40 20.03 -7.03 19.99
C LEU B 40 20.12 -8.47 19.51
N LYS B 41 21.33 -8.84 19.12
CA LYS B 41 21.70 -10.21 18.75
C LYS B 41 22.53 -10.74 19.90
N ASN B 42 22.03 -11.80 20.54
CA ASN B 42 22.69 -12.44 21.67
C ASN B 42 23.22 -11.42 22.68
N GLY B 43 22.41 -10.41 23.00
CA GLY B 43 22.81 -9.35 23.93
C GLY B 43 23.56 -8.17 23.32
N GLU B 44 24.28 -8.41 22.22
CA GLU B 44 25.04 -7.37 21.53
C GLU B 44 24.19 -6.61 20.52
N ARG B 45 24.48 -5.33 20.38
CA ARG B 45 23.72 -4.43 19.52
C ARG B 45 23.96 -4.70 18.03
N ILE B 46 22.87 -4.82 17.26
CA ILE B 46 22.95 -5.06 15.81
C ILE B 46 23.26 -3.76 15.08
N GLU B 47 24.29 -3.81 14.25
CA GLU B 47 24.72 -2.68 13.42
C GLU B 47 23.77 -2.44 12.24
N LYS B 48 23.63 -1.18 11.86
CA LYS B 48 22.83 -0.79 10.69
C LYS B 48 21.37 -1.29 10.74
N VAL B 49 20.59 -0.71 11.64
CA VAL B 49 19.17 -1.02 11.78
C VAL B 49 18.37 0.16 11.26
N GLU B 50 17.50 -0.12 10.29
CA GLU B 50 16.66 0.89 9.66
C GLU B 50 15.36 1.09 10.43
N HIS B 51 14.66 2.19 10.14
CA HIS B 51 13.34 2.43 10.73
C HIS B 51 12.40 3.16 9.78
N SER B 52 11.10 3.05 10.06
CA SER B 52 10.09 3.74 9.28
C SER B 52 10.13 5.23 9.59
N ASP B 53 9.44 6.04 8.78
CA ASP B 53 9.38 7.48 9.01
C ASP B 53 8.40 7.80 10.14
N LEU B 54 8.73 8.82 10.92
CA LEU B 54 7.93 9.17 12.07
C LEU B 54 6.52 9.56 11.67
N SER B 55 5.55 8.84 12.19
CA SER B 55 4.13 9.19 11.99
C SER B 55 3.40 9.03 13.31
N PHE B 56 2.11 9.36 13.32
CA PHE B 56 1.31 9.32 14.56
C PHE B 56 -0.15 8.93 14.35
N SER B 57 -0.76 8.44 15.42
CA SER B 57 -2.14 7.93 15.42
C SER B 57 -3.13 9.04 15.75
N LYS B 58 -4.43 8.72 15.65
CA LYS B 58 -5.53 9.69 15.89
C LYS B 58 -5.43 10.40 17.24
N ASP B 59 -4.93 9.70 18.27
CA ASP B 59 -4.73 10.29 19.61
C ASP B 59 -3.50 11.20 19.75
N TRP B 60 -2.74 11.38 18.65
CA TRP B 60 -1.53 12.24 18.55
C TRP B 60 -0.22 11.55 18.92
N SER B 61 -0.30 10.37 19.53
CA SER B 61 0.87 9.60 19.94
C SER B 61 1.61 9.03 18.72
N PHE B 62 2.91 8.83 18.87
CA PHE B 62 3.77 8.43 17.76
C PHE B 62 3.88 6.90 17.64
N TYR B 63 4.30 6.45 16.45
CA TYR B 63 4.71 5.07 16.21
C TYR B 63 5.89 4.96 15.23
N LEU B 64 6.76 3.99 15.47
CA LEU B 64 7.90 3.70 14.61
C LEU B 64 8.11 2.20 14.53
N LEU B 65 8.54 1.74 13.36
CA LEU B 65 8.90 0.35 13.16
C LEU B 65 10.40 0.27 12.89
N TYR B 66 11.15 -0.32 13.83
CA TYR B 66 12.56 -0.60 13.64
C TYR B 66 12.72 -2.03 13.15
N TYR B 67 13.57 -2.21 12.14
CA TYR B 67 13.77 -3.53 11.54
C TYR B 67 15.19 -3.75 11.02
N THR B 68 15.60 -5.00 11.02
CA THR B 68 16.83 -5.45 10.35
C THR B 68 16.52 -6.81 9.78
N GLU B 69 17.30 -7.25 8.80
CA GLU B 69 17.18 -8.63 8.33
C GLU B 69 18.07 -9.52 9.16
N PHE B 70 17.63 -10.76 9.31
CA PHE B 70 18.31 -11.72 10.17
C PHE B 70 17.99 -13.14 9.75
N THR B 71 18.72 -14.07 10.35
CA THR B 71 18.43 -15.48 10.21
C THR B 71 18.17 -16.05 11.62
N PRO B 72 16.92 -16.52 11.86
CA PRO B 72 16.61 -17.16 13.14
C PRO B 72 17.44 -18.44 13.38
N THR B 73 17.60 -18.82 14.64
CA THR B 73 18.34 -20.04 14.99
C THR B 73 17.94 -20.50 16.38
N GLU B 74 17.82 -21.82 16.57
CA GLU B 74 17.74 -22.34 17.92
C GLU B 74 19.01 -22.02 18.73
N LYS B 75 19.90 -21.23 18.15
CA LYS B 75 21.18 -20.89 18.79
C LYS B 75 21.57 -19.40 18.85
N ASP B 76 20.56 -18.54 18.86
CA ASP B 76 20.73 -17.08 18.96
C ASP B 76 19.52 -16.40 19.65
N GLU B 77 19.79 -15.60 20.66
CA GLU B 77 18.74 -14.84 21.34
C GLU B 77 18.63 -13.41 20.81
N TYR B 78 17.47 -13.07 20.25
CA TYR B 78 17.21 -11.73 19.73
C TYR B 78 16.29 -10.92 20.64
N ALA B 79 16.49 -9.61 20.67
CA ALA B 79 15.69 -8.72 21.51
C ALA B 79 15.65 -7.27 21.00
N CYS B 80 14.76 -6.47 21.59
CA CYS B 80 14.65 -5.04 21.32
C CYS B 80 14.88 -4.24 22.60
N ARG B 81 15.76 -3.24 22.53
CA ARG B 81 16.04 -2.35 23.66
C ARG B 81 15.46 -0.97 23.39
N VAL B 82 14.46 -0.58 24.20
CA VAL B 82 13.78 0.70 24.06
C VAL B 82 14.08 1.57 25.27
N ASN B 83 14.38 2.84 25.01
CA ASN B 83 14.59 3.83 26.08
C ASN B 83 13.95 5.17 25.70
N HIS B 84 13.19 5.71 26.63
CA HIS B 84 12.34 6.87 26.42
C HIS B 84 12.47 7.79 27.64
N VAL B 85 11.86 8.95 27.52
CA VAL B 85 11.82 9.94 28.59
C VAL B 85 10.97 9.41 29.75
N THR B 86 9.94 8.62 29.42
CA THR B 86 9.04 8.05 30.42
C THR B 86 9.67 6.88 31.17
N LEU B 87 10.60 6.18 30.53
CA LEU B 87 11.28 5.05 31.15
C LEU B 87 12.45 5.57 31.97
N SER B 88 12.54 5.11 33.21
CA SER B 88 13.65 5.45 34.13
C SER B 88 15.01 5.00 33.58
N GLN B 89 15.03 3.80 33.02
CA GLN B 89 16.22 3.23 32.38
C GLN B 89 15.77 2.33 31.21
N PRO B 90 16.70 1.92 30.33
CA PRO B 90 16.27 1.13 29.17
C PRO B 90 15.47 -0.11 29.53
N LYS B 91 14.56 -0.50 28.65
CA LYS B 91 13.74 -1.71 28.84
C LYS B 91 14.03 -2.68 27.70
N ILE B 92 14.19 -3.96 28.03
CA ILE B 92 14.59 -4.96 27.05
C ILE B 92 13.49 -6.00 26.90
N VAL B 93 12.98 -6.12 25.67
CA VAL B 93 11.97 -7.11 25.33
C VAL B 93 12.56 -8.21 24.45
N LYS B 94 12.66 -9.41 25.00
CA LYS B 94 13.05 -10.61 24.27
C LYS B 94 12.10 -10.89 23.11
N TRP B 95 12.63 -11.46 22.03
CA TRP B 95 11.82 -11.89 20.90
C TRP B 95 11.32 -13.29 21.18
N ASP B 96 10.02 -13.43 21.40
CA ASP B 96 9.41 -14.74 21.52
C ASP B 96 8.94 -15.09 20.12
N ARG B 97 9.20 -16.33 19.68
CA ARG B 97 8.81 -16.77 18.35
C ARG B 97 7.35 -16.48 18.03
N ASP B 98 6.50 -16.49 19.05
CA ASP B 98 5.03 -16.27 18.87
C ASP B 98 4.35 -15.37 19.97
N MET B 99 5.09 -14.38 20.49
CA MET B 99 4.62 -13.31 21.40
C MET B 99 4.14 -13.75 22.79
N ARG C 1 -1.27 15.38 -2.69
CA ARG C 1 -0.58 16.68 -2.91
C ARG C 1 -0.81 17.64 -1.74
N LEU C 2 0.23 18.35 -1.31
CA LEU C 2 0.15 19.26 -0.16
C LEU C 2 -0.76 20.46 -0.39
N SER C 3 -1.41 20.97 0.66
CA SER C 3 -2.05 22.29 0.61
C SER C 3 -0.96 23.37 0.60
N SER C 4 -1.33 24.59 0.23
CA SER C 4 -0.37 25.69 0.22
C SER C 4 -0.16 26.22 1.64
N PRO C 5 1.03 26.81 1.91
CA PRO C 5 1.42 27.24 3.26
C PRO C 5 0.27 27.86 4.03
N LEU C 6 0.10 27.43 5.28
CA LEU C 6 -1.06 27.81 6.08
C LEU C 6 -0.60 28.83 7.10
N HIS C 7 -1.54 29.60 7.64
CA HIS C 7 -1.18 30.73 8.52
C HIS C 7 -0.61 30.26 9.88
N PHE C 8 0.30 31.09 10.40
CA PHE C 8 0.85 30.99 11.76
C PHE C 8 -0.26 30.92 12.82
N VAL C 9 0.09 30.37 13.97
CA VAL C 9 -0.85 30.22 15.08
C VAL C 9 -0.93 31.50 15.93
N PRO D 1 -4.83 -31.19 49.34
CA PRO D 1 -4.21 -30.65 50.58
C PRO D 1 -3.42 -29.36 50.32
N LYS D 2 -4.15 -28.24 50.32
CA LYS D 2 -3.67 -26.88 49.96
C LYS D 2 -2.23 -26.51 50.35
N PRO D 3 -1.37 -26.16 49.37
CA PRO D 3 -0.05 -25.63 49.65
C PRO D 3 -0.10 -24.14 49.92
N THR D 4 1.05 -23.56 50.26
CA THR D 4 1.15 -22.15 50.61
C THR D 4 2.21 -21.49 49.72
N LEU D 5 1.99 -20.22 49.34
CA LEU D 5 2.91 -19.48 48.45
C LEU D 5 3.15 -18.05 48.93
N TRP D 6 4.40 -17.73 49.22
CA TRP D 6 4.81 -16.40 49.68
C TRP D 6 6.09 -16.01 48.96
N ALA D 7 6.56 -14.79 49.24
CA ALA D 7 7.82 -14.29 48.64
C ALA D 7 8.74 -13.60 49.67
N GLU D 8 10.04 -13.77 49.47
CA GLU D 8 11.07 -13.17 50.31
C GLU D 8 11.94 -12.30 49.42
N PRO D 9 12.24 -11.06 49.83
CA PRO D 9 11.85 -10.46 51.12
C PRO D 9 10.41 -10.02 51.17
N GLY D 10 9.87 -9.59 50.02
CA GLY D 10 8.47 -9.16 49.90
C GLY D 10 7.95 -9.55 48.54
N SER D 11 6.70 -9.18 48.25
CA SER D 11 6.07 -9.40 46.94
C SER D 11 6.14 -8.17 46.02
N VAL D 12 6.68 -7.07 46.53
CA VAL D 12 6.87 -5.83 45.76
C VAL D 12 8.34 -5.47 45.77
N ILE D 13 9.01 -5.66 44.64
CA ILE D 13 10.48 -5.60 44.52
C ILE D 13 10.90 -4.60 43.43
N THR D 14 11.90 -3.79 43.75
CA THR D 14 12.49 -2.86 42.78
C THR D 14 13.24 -3.65 41.70
N GLN D 15 13.17 -3.19 40.47
CA GLN D 15 13.82 -3.88 39.36
C GLN D 15 15.34 -3.90 39.47
N GLY D 16 15.91 -5.07 39.22
CA GLY D 16 17.34 -5.35 39.47
C GLY D 16 17.53 -6.15 40.74
N SER D 17 16.71 -5.85 41.74
CA SER D 17 16.78 -6.46 43.05
C SER D 17 16.41 -7.97 43.06
N PRO D 18 17.04 -8.78 43.96
CA PRO D 18 16.75 -10.21 44.04
C PRO D 18 15.44 -10.53 44.76
N VAL D 19 14.86 -11.68 44.43
CA VAL D 19 13.67 -12.20 45.10
C VAL D 19 13.59 -13.71 44.96
N THR D 20 13.02 -14.37 45.97
CA THR D 20 12.78 -15.82 45.93
C THR D 20 11.32 -16.13 46.28
N LEU D 21 10.57 -16.65 45.31
CA LEU D 21 9.23 -17.19 45.54
C LEU D 21 9.32 -18.57 46.19
N ARG D 22 8.48 -18.82 47.17
CA ARG D 22 8.54 -20.05 47.96
C ARG D 22 7.21 -20.74 48.11
N CYS D 23 7.20 -22.06 47.93
CA CYS D 23 6.02 -22.90 48.10
C CYS D 23 6.26 -24.01 49.13
N GLN D 24 5.31 -24.20 50.05
CA GLN D 24 5.37 -25.25 51.08
C GLN D 24 4.00 -25.94 51.25
N GLY D 25 4.02 -27.22 51.65
CA GLY D 25 2.79 -28.00 51.93
C GLY D 25 3.03 -29.27 52.73
N GLU D 31 8.07 -32.31 45.16
CA GLU D 31 7.11 -32.61 44.11
C GLU D 31 6.25 -31.40 43.76
N TYR D 32 6.90 -30.24 43.66
CA TYR D 32 6.20 -28.99 43.40
C TYR D 32 6.20 -28.62 41.91
N ARG D 33 5.59 -27.49 41.59
CA ARG D 33 5.52 -27.02 40.21
C ARG D 33 5.57 -25.49 40.16
N LEU D 34 4.41 -24.87 40.13
CA LEU D 34 4.32 -23.41 40.07
C LEU D 34 3.95 -22.95 38.67
N TYR D 35 3.43 -21.73 38.57
CA TYR D 35 3.05 -21.14 37.29
C TYR D 35 2.48 -19.73 37.41
N ARG D 36 2.66 -18.94 36.36
CA ARG D 36 2.01 -17.62 36.22
C ARG D 36 0.66 -17.74 35.51
N GLU D 37 -0.33 -17.01 36.00
CA GLU D 37 -1.66 -16.99 35.39
C GLU D 37 -1.59 -16.26 34.04
N LYS D 38 -2.67 -16.31 33.27
CA LYS D 38 -2.73 -15.64 31.98
C LYS D 38 -1.65 -16.15 31.03
N LYS D 39 -0.48 -15.52 31.08
CA LYS D 39 0.62 -15.90 30.20
C LYS D 39 1.61 -16.83 30.89
N THR D 40 2.44 -17.50 30.09
CA THR D 40 3.44 -18.42 30.62
C THR D 40 4.73 -17.69 31.00
N ALA D 41 5.40 -18.17 32.06
CA ALA D 41 6.67 -17.57 32.54
C ALA D 41 7.90 -18.51 32.35
N PRO D 42 8.67 -18.34 31.24
CA PRO D 42 9.86 -19.17 30.95
C PRO D 42 10.86 -19.29 32.11
N TRP D 43 11.10 -18.20 32.84
CA TRP D 43 12.10 -18.20 33.93
C TRP D 43 11.96 -19.41 34.89
N ILE D 44 10.71 -19.83 35.11
CA ILE D 44 10.37 -20.94 36.03
C ILE D 44 10.97 -22.28 35.55
N THR D 45 10.78 -22.59 34.27
CA THR D 45 11.24 -23.89 33.69
C THR D 45 12.76 -24.00 33.49
N ARG D 46 13.53 -23.19 34.22
CA ARG D 46 14.98 -23.25 34.24
C ARG D 46 15.54 -23.44 35.65
N ILE D 47 14.70 -23.27 36.68
CA ILE D 47 15.13 -23.46 38.07
C ILE D 47 15.50 -24.93 38.26
N PRO D 48 16.73 -25.21 38.74
CA PRO D 48 17.20 -26.60 38.89
C PRO D 48 16.48 -27.39 39.98
N GLN D 49 16.39 -28.70 39.78
CA GLN D 49 15.62 -29.58 40.64
C GLN D 49 16.13 -29.65 42.10
N GLU D 50 17.44 -29.69 42.28
CA GLU D 50 18.01 -29.60 43.62
C GLU D 50 17.15 -28.63 44.42
N LEU D 51 16.56 -27.68 43.72
CA LEU D 51 15.62 -26.74 44.34
C LEU D 51 14.13 -26.98 44.12
N VAL D 52 13.77 -27.32 42.89
CA VAL D 52 12.37 -27.59 42.55
C VAL D 52 11.74 -28.53 43.57
N LYS D 53 12.49 -29.54 43.99
CA LYS D 53 12.01 -30.50 44.97
C LYS D 53 11.91 -29.85 46.35
N LYS D 54 12.82 -28.92 46.63
CA LYS D 54 12.83 -28.22 47.91
C LYS D 54 11.56 -27.39 48.09
N GLY D 55 11.18 -26.67 47.04
CA GLY D 55 9.98 -25.85 47.07
C GLY D 55 10.35 -24.37 47.10
N GLN D 56 11.30 -23.99 46.26
CA GLN D 56 11.83 -22.63 46.23
C GLN D 56 12.33 -22.25 44.84
N PHE D 57 11.93 -21.06 44.40
CA PHE D 57 12.25 -20.56 43.08
C PHE D 57 12.90 -19.18 43.22
N PRO D 58 14.23 -19.10 43.07
CA PRO D 58 14.91 -17.82 43.20
C PRO D 58 14.96 -17.05 41.88
N ILE D 59 15.05 -15.72 42.00
CA ILE D 59 15.30 -14.83 40.87
C ILE D 59 16.45 -13.91 41.28
N PRO D 60 17.62 -14.04 40.59
CA PRO D 60 18.81 -13.24 40.98
C PRO D 60 18.63 -11.73 40.77
N SER D 61 18.10 -11.36 39.61
CA SER D 61 17.88 -9.97 39.24
C SER D 61 16.51 -9.92 38.57
N ILE D 62 15.57 -9.20 39.20
CA ILE D 62 14.19 -9.16 38.70
C ILE D 62 14.06 -8.12 37.58
N THR D 63 13.43 -8.53 36.49
CA THR D 63 12.97 -7.64 35.43
C THR D 63 11.45 -7.72 35.34
N TRP D 64 10.89 -6.89 34.47
CA TRP D 64 9.45 -6.86 34.21
C TRP D 64 8.85 -8.22 33.78
N GLU D 65 9.68 -9.11 33.26
CA GLU D 65 9.23 -10.42 32.77
C GLU D 65 8.81 -11.37 33.88
N HIS D 66 9.15 -11.06 35.13
CA HIS D 66 8.76 -11.89 36.26
C HIS D 66 7.43 -11.43 36.85
N ALA D 67 7.04 -10.19 36.59
CA ALA D 67 5.81 -9.62 37.15
C ALA D 67 4.58 -10.43 36.76
N GLY D 68 3.69 -10.69 37.72
CA GLY D 68 2.44 -11.37 37.42
C GLY D 68 1.74 -12.04 38.58
N ARG D 69 0.64 -12.69 38.27
CA ARG D 69 -0.13 -13.49 39.23
C ARG D 69 0.37 -14.91 39.20
N TYR D 70 0.90 -15.37 40.33
CA TYR D 70 1.44 -16.72 40.44
C TYR D 70 0.63 -17.58 41.39
N ARG D 71 0.35 -18.81 40.96
CA ARG D 71 -0.20 -19.86 41.82
C ARG D 71 0.81 -20.98 41.91
N CYS D 72 0.64 -21.82 42.92
CA CYS D 72 1.52 -22.95 43.14
C CYS D 72 0.71 -24.18 43.55
N TYR D 73 1.26 -25.35 43.23
CA TYR D 73 0.69 -26.64 43.65
C TYR D 73 1.73 -27.76 43.62
N TYR D 74 1.41 -28.86 44.31
CA TYR D 74 2.18 -30.12 44.20
C TYR D 74 1.19 -31.22 43.82
N GLY D 75 1.71 -32.27 43.18
CA GLY D 75 0.90 -33.42 42.82
C GLY D 75 0.28 -33.31 41.44
N SER D 76 0.58 -34.30 40.59
CA SER D 76 0.02 -34.35 39.26
C SER D 76 -1.35 -35.04 39.28
N ASP D 77 -2.27 -34.55 38.47
CA ASP D 77 -3.65 -35.11 38.44
C ASP D 77 -3.64 -36.64 38.51
N THR D 78 -2.94 -37.27 37.54
CA THR D 78 -2.43 -38.64 37.63
C THR D 78 -1.83 -38.91 39.01
N ALA D 79 -2.61 -39.60 39.85
CA ALA D 79 -2.26 -39.91 41.25
C ALA D 79 -1.83 -38.69 42.08
N GLY D 80 -2.81 -37.96 42.58
CA GLY D 80 -2.58 -36.82 43.46
C GLY D 80 -2.55 -35.48 42.74
N ARG D 81 -3.14 -34.47 43.40
CA ARG D 81 -3.02 -33.06 43.01
C ARG D 81 -3.66 -32.19 44.09
N SER D 82 -2.83 -31.41 44.77
CA SER D 82 -3.31 -30.44 45.73
C SER D 82 -4.02 -29.32 44.99
N GLU D 83 -5.00 -28.74 45.66
CA GLU D 83 -5.64 -27.53 45.16
C GLU D 83 -4.57 -26.43 45.05
N SER D 84 -4.73 -25.55 44.07
CA SER D 84 -3.76 -24.46 43.84
C SER D 84 -3.77 -23.50 45.04
N SER D 85 -2.60 -22.93 45.36
CA SER D 85 -2.47 -22.01 46.48
C SER D 85 -3.21 -20.69 46.25
N ASP D 86 -3.19 -19.83 47.27
CA ASP D 86 -3.64 -18.45 47.11
C ASP D 86 -2.73 -17.78 46.10
N PRO D 87 -3.27 -16.81 45.33
CA PRO D 87 -2.41 -16.14 44.36
C PRO D 87 -1.43 -15.15 45.00
N LEU D 88 -0.23 -15.07 44.42
CA LEU D 88 0.78 -14.09 44.81
C LEU D 88 0.97 -13.14 43.65
N GLU D 89 0.92 -11.83 43.93
CA GLU D 89 1.13 -10.82 42.91
C GLU D 89 2.54 -10.23 43.05
N LEU D 90 3.46 -10.74 42.24
CA LEU D 90 4.85 -10.27 42.21
C LEU D 90 4.91 -8.97 41.42
N VAL D 91 5.28 -7.88 42.10
CA VAL D 91 5.28 -6.54 41.52
C VAL D 91 6.72 -6.04 41.33
N VAL D 92 7.00 -5.51 40.14
CA VAL D 92 8.29 -4.91 39.82
C VAL D 92 8.12 -3.39 39.79
N THR D 93 8.89 -2.67 40.59
CA THR D 93 8.85 -1.22 40.61
C THR D 93 10.11 -0.66 40.00
N GLY D 94 10.02 0.60 39.61
CA GLY D 94 11.16 1.36 39.10
C GLY D 94 11.30 1.39 37.59
N ALA D 95 10.24 1.03 36.87
CA ALA D 95 10.27 0.95 35.41
C ALA D 95 10.06 2.31 34.75
N TYR D 96 9.26 3.16 35.40
CA TYR D 96 8.86 4.44 34.85
C TYR D 96 9.22 5.55 35.79
N ILE D 97 9.37 6.75 35.22
CA ILE D 97 9.72 7.92 36.00
C ILE D 97 8.66 8.15 37.07
N LYS D 98 9.09 8.71 38.18
CA LYS D 98 8.27 8.76 39.38
C LYS D 98 7.17 9.81 39.28
N PRO D 99 6.02 9.55 39.91
CA PRO D 99 5.03 10.57 40.07
C PRO D 99 5.43 11.53 41.16
N THR D 100 4.55 12.47 41.46
CA THR D 100 4.76 13.44 42.52
C THR D 100 3.60 13.34 43.48
N LEU D 101 3.91 13.36 44.78
CA LEU D 101 2.90 13.27 45.83
C LEU D 101 2.82 14.60 46.56
N SER D 102 1.63 14.95 47.02
CA SER D 102 1.39 16.22 47.70
C SER D 102 0.14 16.12 48.56
N ALA D 103 0.06 16.98 49.57
CA ALA D 103 -1.09 17.01 50.48
C ALA D 103 -1.96 18.25 50.27
N GLN D 104 -3.23 18.03 49.96
CA GLN D 104 -4.22 19.10 49.83
C GLN D 104 -5.04 19.20 51.12
N PRO D 105 -5.11 20.38 51.76
CA PRO D 105 -4.48 21.62 51.31
C PRO D 105 -3.03 21.81 51.78
N SER D 106 -2.55 20.98 52.71
CA SER D 106 -1.21 21.13 53.24
C SER D 106 -0.74 19.89 54.00
N PRO D 107 0.58 19.61 53.98
CA PRO D 107 1.16 18.50 54.72
C PRO D 107 1.08 18.65 56.23
N VAL D 108 0.81 19.87 56.72
CA VAL D 108 0.54 20.06 58.15
C VAL D 108 -0.97 19.84 58.45
N VAL D 109 -1.24 19.05 59.49
CA VAL D 109 -2.61 18.74 59.93
C VAL D 109 -2.76 18.75 61.45
N ASN D 110 -3.96 19.12 61.93
CA ASN D 110 -4.28 19.09 63.34
C ASN D 110 -4.57 17.66 63.79
N SER D 111 -4.11 17.32 64.99
CA SER D 111 -4.30 15.99 65.55
C SER D 111 -5.76 15.60 65.53
N GLY D 112 -6.07 14.48 64.87
CA GLY D 112 -7.43 14.00 64.70
C GLY D 112 -8.09 14.42 63.40
N GLY D 113 -7.51 15.39 62.70
CA GLY D 113 -8.01 15.82 61.41
C GLY D 113 -7.70 14.87 60.26
N ASN D 114 -8.29 15.15 59.10
CA ASN D 114 -8.09 14.35 57.88
C ASN D 114 -7.44 15.19 56.79
N VAL D 115 -6.74 14.54 55.87
CA VAL D 115 -6.12 15.22 54.75
C VAL D 115 -6.29 14.42 53.45
N THR D 116 -6.21 15.12 52.34
CA THR D 116 -6.24 14.53 51.03
C THR D 116 -4.83 14.44 50.46
N LEU D 117 -4.40 13.23 50.11
CA LEU D 117 -3.14 13.03 49.40
C LEU D 117 -3.41 12.85 47.92
N GLN D 118 -2.60 13.52 47.10
CA GLN D 118 -2.81 13.55 45.66
C GLN D 118 -1.54 13.08 44.92
N CYS D 119 -1.69 11.99 44.19
CA CYS D 119 -0.59 11.41 43.40
C CYS D 119 -0.75 11.88 41.96
N ASP D 120 0.28 12.59 41.45
CA ASP D 120 0.29 13.14 40.09
C ASP D 120 1.38 12.50 39.25
N SER D 121 1.01 11.99 38.08
CA SER D 121 1.95 11.41 37.13
C SER D 121 1.99 12.23 35.85
N GLN D 122 3.20 12.63 35.42
CA GLN D 122 3.37 13.34 34.15
C GLN D 122 3.34 12.40 32.93
N VAL D 123 3.49 11.10 33.18
CA VAL D 123 3.25 10.07 32.19
C VAL D 123 1.81 9.62 32.34
N ALA D 124 1.09 9.56 31.22
CA ALA D 124 -0.31 9.14 31.19
C ALA D 124 -0.47 7.72 31.72
N PHE D 125 -1.12 7.59 32.86
CA PHE D 125 -1.41 6.30 33.47
C PHE D 125 -2.78 6.33 34.10
N ASP D 126 -3.36 5.15 34.30
CA ASP D 126 -4.70 5.03 34.89
C ASP D 126 -4.73 4.22 36.19
N GLY D 127 -3.58 3.75 36.66
CA GLY D 127 -3.47 3.02 37.92
C GLY D 127 -2.64 3.78 38.92
N PHE D 128 -3.09 3.85 40.17
CA PHE D 128 -2.37 4.57 41.21
C PHE D 128 -2.40 3.84 42.54
N ILE D 129 -1.22 3.74 43.15
CA ILE D 129 -1.03 3.03 44.41
C ILE D 129 -0.48 4.01 45.44
N LEU D 130 -1.04 3.99 46.65
CA LEU D 130 -0.52 4.77 47.78
C LEU D 130 -0.06 3.81 48.86
N CYS D 131 1.21 3.90 49.26
CA CYS D 131 1.80 3.01 50.26
C CYS D 131 2.23 3.73 51.55
N LYS D 132 1.57 3.38 52.67
CA LYS D 132 1.95 3.86 54.00
C LYS D 132 3.29 3.26 54.41
N GLU D 133 4.25 4.13 54.75
CA GLU D 133 5.62 3.72 55.06
C GLU D 133 5.97 4.02 56.52
N GLY D 134 7.12 3.51 56.97
CA GLY D 134 7.67 3.76 58.32
C GLY D 134 7.65 2.54 59.21
N PRO D 139 4.94 -2.87 54.88
CA PRO D 139 4.42 -1.67 54.20
C PRO D 139 3.20 -1.93 53.28
N GLN D 140 2.00 -1.49 53.70
CA GLN D 140 0.73 -1.81 52.99
C GLN D 140 0.30 -0.65 52.09
N CYS D 141 -0.46 -1.01 51.05
CA CYS D 141 -0.84 -0.10 49.99
C CYS D 141 -2.32 -0.17 49.60
N LEU D 142 -2.85 0.97 49.16
CA LEU D 142 -4.21 1.10 48.64
C LEU D 142 -4.16 1.28 47.14
N ASN D 143 -5.29 0.98 46.49
CA ASN D 143 -5.41 1.02 45.04
C ASN D 143 -6.36 2.15 44.63
N SER D 144 -6.14 2.71 43.45
CA SER D 144 -7.02 3.76 42.91
C SER D 144 -6.85 3.96 41.40
N GLN D 145 -7.69 4.83 40.84
CA GLN D 145 -7.68 5.20 39.41
C GLN D 145 -8.23 6.64 39.22
N PRO D 146 -7.98 7.29 38.04
CA PRO D 146 -8.27 8.73 37.93
C PRO D 146 -9.73 9.14 38.12
N HIS D 147 -9.91 10.32 38.71
CA HIS D 147 -11.22 10.95 38.98
C HIS D 147 -11.78 11.77 37.80
N ALA D 148 -10.90 12.17 36.88
CA ALA D 148 -11.29 12.79 35.61
C ALA D 148 -11.20 11.76 34.47
N ARG D 149 -11.65 12.16 33.28
CA ARG D 149 -11.67 11.27 32.13
C ARG D 149 -10.34 10.52 31.98
N GLY D 150 -9.25 11.26 32.05
CA GLY D 150 -7.89 10.70 31.91
C GLY D 150 -6.84 11.69 32.46
N SER D 151 -7.03 12.13 33.70
CA SER D 151 -6.21 13.20 34.36
C SER D 151 -4.76 12.82 34.64
N SER D 152 -4.52 11.53 34.89
CA SER D 152 -3.24 11.02 35.41
C SER D 152 -2.99 11.57 36.81
N ARG D 153 -4.02 11.46 37.63
CA ARG D 153 -4.01 11.98 38.97
C ARG D 153 -5.00 11.19 39.79
N ALA D 154 -4.59 10.78 40.98
CA ALA D 154 -5.46 10.07 41.93
C ALA D 154 -5.49 10.77 43.28
N ILE D 155 -6.62 10.64 43.97
CA ILE D 155 -6.89 11.28 45.24
C ILE D 155 -7.03 10.21 46.31
N PHE D 156 -6.53 10.49 47.51
CA PHE D 156 -6.63 9.56 48.64
C PHE D 156 -6.96 10.36 49.90
N SER D 157 -7.83 9.82 50.75
CA SER D 157 -8.14 10.42 52.06
C SER D 157 -7.53 9.59 53.16
N VAL D 158 -6.61 10.17 53.92
CA VAL D 158 -6.05 9.50 55.08
C VAL D 158 -6.47 10.27 56.32
N GLY D 159 -6.46 9.59 57.46
CA GLY D 159 -6.87 10.14 58.74
C GLY D 159 -8.04 9.37 59.32
N PRO D 160 -8.41 9.59 60.59
CA PRO D 160 -7.80 10.58 61.48
C PRO D 160 -6.35 10.33 61.83
N VAL D 161 -5.61 11.42 62.07
CA VAL D 161 -4.17 11.36 62.31
C VAL D 161 -3.85 11.60 63.78
N SER D 162 -2.67 11.17 64.20
CA SER D 162 -2.21 11.24 65.59
C SER D 162 -0.74 11.64 65.66
N PRO D 163 -0.38 12.49 66.63
CA PRO D 163 1.02 12.90 66.82
C PRO D 163 1.92 11.78 67.36
N SER D 164 1.33 10.63 67.73
CA SER D 164 2.08 9.47 68.23
C SER D 164 2.70 8.67 67.08
N ARG D 165 1.87 7.99 66.30
CA ARG D 165 2.34 7.25 65.14
C ARG D 165 2.70 8.20 63.99
N ARG D 166 3.66 7.79 63.17
CA ARG D 166 4.12 8.59 62.03
C ARG D 166 3.25 8.34 60.79
N TRP D 167 3.12 9.35 59.95
CA TRP D 167 2.20 9.31 58.81
C TRP D 167 2.95 9.64 57.52
N TRP D 168 3.58 8.61 56.95
CA TRP D 168 4.51 8.73 55.84
C TRP D 168 3.97 7.95 54.63
N TYR D 169 4.16 8.49 53.43
CA TYR D 169 3.62 7.89 52.23
C TYR D 169 4.54 8.02 51.03
N ARG D 170 4.41 7.07 50.10
CA ARG D 170 4.93 7.18 48.75
C ARG D 170 3.82 6.72 47.82
N CYS D 171 3.79 7.20 46.59
CA CYS D 171 2.80 6.72 45.64
C CYS D 171 3.44 6.21 44.35
N TYR D 172 2.66 5.43 43.61
CA TYR D 172 3.06 4.82 42.34
C TYR D 172 1.98 5.05 41.30
N ALA D 173 2.41 5.14 40.04
CA ALA D 173 1.51 5.12 38.90
C ALA D 173 1.76 3.84 38.12
N TYR D 174 0.74 3.36 37.43
CA TYR D 174 0.88 2.18 36.57
C TYR D 174 -0.22 2.08 35.50
N ASP D 175 0.04 1.25 34.49
CA ASP D 175 -0.93 0.95 33.43
C ASP D 175 -1.78 -0.20 33.92
N SER D 176 -3.10 -0.07 33.83
CA SER D 176 -4.02 -1.11 34.32
C SER D 176 -3.89 -2.45 33.58
N ASN D 177 -3.39 -2.40 32.35
CA ASN D 177 -3.13 -3.60 31.55
C ASN D 177 -1.76 -4.25 31.84
N SER D 178 -1.00 -3.67 32.76
CA SER D 178 0.22 -4.27 33.30
C SER D 178 0.27 -3.90 34.77
N PRO D 179 -0.71 -4.37 35.56
CA PRO D 179 -0.87 -3.87 36.92
C PRO D 179 0.21 -4.33 37.92
N TYR D 180 1.26 -5.00 37.43
CA TYR D 180 2.37 -5.45 38.26
C TYR D 180 3.71 -4.81 37.89
N GLU D 181 3.69 -3.87 36.94
CA GLU D 181 4.84 -3.02 36.63
C GLU D 181 4.47 -1.60 37.06
N TRP D 182 5.13 -1.12 38.11
CA TRP D 182 4.90 0.21 38.64
C TRP D 182 6.05 1.14 38.32
N SER D 183 5.71 2.43 38.38
CA SER D 183 6.67 3.53 38.32
C SER D 183 7.68 3.42 39.45
N LEU D 184 8.70 4.27 39.41
CA LEU D 184 9.50 4.53 40.60
C LEU D 184 8.54 5.14 41.63
N PRO D 185 8.81 4.96 42.92
CA PRO D 185 7.96 5.62 43.90
C PRO D 185 8.17 7.12 43.92
N SER D 186 7.14 7.86 44.32
CA SER D 186 7.27 9.28 44.61
C SER D 186 8.16 9.48 45.84
N ASP D 187 8.80 10.64 45.92
CA ASP D 187 9.51 11.02 47.13
C ASP D 187 8.62 10.81 48.33
N LEU D 188 9.26 10.53 49.47
CA LEU D 188 8.55 10.36 50.71
C LEU D 188 7.82 11.64 51.09
N LEU D 189 6.51 11.52 51.33
CA LEU D 189 5.70 12.63 51.86
C LEU D 189 5.37 12.36 53.32
N GLU D 190 5.86 13.24 54.18
CA GLU D 190 5.62 13.15 55.62
C GLU D 190 4.51 14.12 56.01
N LEU D 191 3.52 13.63 56.74
CA LEU D 191 2.51 14.51 57.29
C LEU D 191 2.99 15.04 58.64
N LEU D 192 3.01 16.37 58.79
CA LEU D 192 3.34 17.01 60.07
C LEU D 192 2.07 17.17 60.90
N VAL D 193 1.87 16.23 61.81
CA VAL D 193 0.70 16.21 62.67
C VAL D 193 1.14 16.93 63.93
N LEU D 194 0.26 17.76 64.48
CA LEU D 194 0.60 18.53 65.68
C LEU D 194 -0.46 18.43 66.76
N GLY D 195 -0.08 17.73 67.83
CA GLY D 195 -0.96 17.49 68.97
C GLY D 195 -1.23 18.81 69.67
N GLY E 1 9.28 25.13 -16.77
CA GLY E 1 9.36 24.78 -15.32
C GLY E 1 10.46 23.75 -15.08
N SER E 2 10.08 22.61 -14.50
CA SER E 2 11.01 21.52 -14.29
C SER E 2 11.25 20.75 -15.57
N HIS E 3 12.41 20.11 -15.67
CA HIS E 3 12.80 19.33 -16.84
C HIS E 3 13.60 18.08 -16.46
N SER E 4 13.75 17.19 -17.44
CA SER E 4 14.41 15.91 -17.24
C SER E 4 15.06 15.39 -18.51
N MET E 5 16.17 14.68 -18.36
CA MET E 5 16.81 13.94 -19.44
C MET E 5 16.90 12.50 -18.98
N ARG E 6 16.56 11.56 -19.86
CA ARG E 6 16.59 10.15 -19.52
C ARG E 6 17.00 9.27 -20.68
N TYR E 7 17.74 8.22 -20.36
CA TYR E 7 18.16 7.22 -21.35
C TYR E 7 17.53 5.88 -21.00
N PHE E 8 17.05 5.16 -22.03
CA PHE E 8 16.39 3.87 -21.86
C PHE E 8 17.11 2.81 -22.69
N PHE E 9 17.85 1.94 -22.01
CA PHE E 9 18.59 0.85 -22.65
C PHE E 9 17.80 -0.43 -22.51
N THR E 10 17.75 -1.21 -23.58
CA THR E 10 17.01 -2.45 -23.59
C THR E 10 17.81 -3.45 -24.38
N SER E 11 18.13 -4.57 -23.74
CA SER E 11 18.86 -5.65 -24.41
C SER E 11 18.07 -6.92 -24.26
N VAL E 12 18.03 -7.72 -25.33
CA VAL E 12 17.26 -8.97 -25.36
C VAL E 12 17.98 -10.08 -26.14
N SER E 13 18.19 -11.20 -25.46
CA SER E 13 18.97 -12.31 -25.98
C SER E 13 18.18 -13.02 -27.05
N ARG E 14 18.92 -13.62 -27.98
CA ARG E 14 18.33 -14.34 -29.10
C ARG E 14 18.96 -15.74 -29.18
N PRO E 15 18.58 -16.64 -28.25
CA PRO E 15 19.22 -17.95 -28.18
C PRO E 15 19.26 -18.66 -29.54
N GLY E 16 20.45 -19.11 -29.93
CA GLY E 16 20.66 -19.77 -31.22
C GLY E 16 20.57 -18.89 -32.47
N ARG E 17 20.33 -17.58 -32.28
CA ARG E 17 20.16 -16.67 -33.40
C ARG E 17 21.17 -15.52 -33.43
N GLY E 18 22.31 -15.72 -32.78
CA GLY E 18 23.39 -14.72 -32.77
C GLY E 18 23.43 -13.85 -31.53
N GLU E 19 24.04 -12.69 -31.67
CA GLU E 19 24.27 -11.78 -30.53
C GLU E 19 22.98 -11.07 -30.13
N PRO E 20 22.87 -10.66 -28.84
CA PRO E 20 21.67 -9.98 -28.32
C PRO E 20 21.31 -8.69 -29.03
N ARG E 21 20.04 -8.33 -28.98
CA ARG E 21 19.53 -7.12 -29.62
C ARG E 21 19.56 -5.98 -28.63
N PHE E 22 20.38 -4.97 -28.91
CA PHE E 22 20.51 -3.79 -28.04
C PHE E 22 19.86 -2.55 -28.67
N ILE E 23 19.02 -1.87 -27.89
CA ILE E 23 18.37 -0.63 -28.32
C ILE E 23 18.48 0.42 -27.23
N ALA E 24 19.18 1.50 -27.54
CA ALA E 24 19.29 2.65 -26.65
C ALA E 24 18.48 3.81 -27.22
N VAL E 25 17.95 4.64 -26.32
CA VAL E 25 17.12 5.76 -26.70
C VAL E 25 17.22 6.87 -25.63
N GLY E 26 17.23 8.12 -26.08
CA GLY E 26 17.45 9.28 -25.22
C GLY E 26 16.30 10.27 -25.32
N TYR E 27 15.85 10.75 -24.17
CA TYR E 27 14.73 11.68 -24.06
C TYR E 27 15.10 12.93 -23.26
N VAL E 28 14.56 14.08 -23.68
CA VAL E 28 14.50 15.27 -22.82
C VAL E 28 13.02 15.59 -22.69
N ASP E 29 12.53 15.64 -21.45
CA ASP E 29 11.08 15.67 -21.19
C ASP E 29 10.41 14.55 -22.01
N ASP E 30 9.27 14.82 -22.64
CA ASP E 30 8.56 13.81 -23.44
C ASP E 30 9.01 13.79 -24.92
N THR E 31 10.23 14.28 -25.19
CA THR E 31 10.78 14.41 -26.56
C THR E 31 12.04 13.55 -26.70
N GLN E 32 12.01 12.61 -27.66
CA GLN E 32 13.17 11.80 -27.98
C GLN E 32 14.15 12.64 -28.80
N PHE E 33 15.45 12.41 -28.60
CA PHE E 33 16.48 13.14 -29.35
C PHE E 33 17.65 12.34 -29.87
N VAL E 34 17.85 11.12 -29.37
CA VAL E 34 18.84 10.20 -29.94
C VAL E 34 18.35 8.76 -29.87
N ARG E 35 19.04 7.89 -30.59
CA ARG E 35 18.87 6.45 -30.42
C ARG E 35 20.00 5.66 -31.07
N PHE E 36 20.21 4.45 -30.57
CA PHE E 36 21.12 3.48 -31.16
C PHE E 36 20.39 2.17 -31.26
N ASP E 37 20.57 1.47 -32.37
CA ASP E 37 20.04 0.14 -32.54
C ASP E 37 21.14 -0.73 -33.11
N SER E 38 21.40 -1.87 -32.44
CA SER E 38 22.42 -2.84 -32.86
C SER E 38 22.05 -3.55 -34.17
N ASP E 39 20.76 -3.69 -34.47
CA ASP E 39 20.30 -4.25 -35.74
C ASP E 39 20.27 -3.28 -36.91
N ALA E 40 20.29 -1.97 -36.64
CA ALA E 40 20.41 -0.97 -37.69
C ALA E 40 21.80 -1.03 -38.34
N ALA E 41 21.81 -0.92 -39.67
CA ALA E 41 23.03 -0.96 -40.46
C ALA E 41 23.93 0.26 -40.19
N SER E 42 23.30 1.36 -39.81
CA SER E 42 23.98 2.57 -39.36
C SER E 42 25.16 2.32 -38.40
N GLN E 43 24.93 1.50 -37.38
CA GLN E 43 25.95 1.17 -36.38
C GLN E 43 26.56 2.41 -35.72
N ARG E 44 25.72 3.42 -35.56
CA ARG E 44 26.13 4.72 -35.08
C ARG E 44 24.96 5.21 -34.21
N MET E 45 25.28 6.04 -33.22
CA MET E 45 24.26 6.75 -32.44
C MET E 45 23.69 7.85 -33.32
N GLU E 46 22.40 7.74 -33.62
CA GLU E 46 21.74 8.64 -34.58
C GLU E 46 20.93 9.71 -33.85
N PRO E 47 20.75 10.90 -34.48
CA PRO E 47 19.85 11.94 -33.96
C PRO E 47 18.40 11.67 -34.31
N ARG E 48 17.51 12.11 -33.44
CA ARG E 48 16.08 12.02 -33.65
C ARG E 48 15.35 13.30 -33.26
N ALA E 49 16.06 14.42 -33.37
CA ALA E 49 15.53 15.75 -33.10
C ALA E 49 16.41 16.78 -33.82
N PRO E 50 15.83 17.90 -34.27
CA PRO E 50 16.64 18.91 -34.96
C PRO E 50 17.78 19.51 -34.13
N TRP E 51 17.45 19.96 -32.92
CA TRP E 51 18.39 20.70 -32.06
C TRP E 51 19.62 19.91 -31.59
N ILE E 52 19.64 18.60 -31.84
CA ILE E 52 20.83 17.80 -31.55
C ILE E 52 21.72 17.63 -32.79
N GLU E 53 21.13 17.79 -33.98
CA GLU E 53 21.89 17.65 -35.24
C GLU E 53 23.05 18.65 -35.33
N GLN E 54 22.88 19.79 -34.69
CA GLN E 54 23.94 20.81 -34.64
C GLN E 54 25.17 20.43 -33.81
N GLU E 55 25.09 19.38 -32.99
CA GLU E 55 26.28 18.89 -32.25
C GLU E 55 27.30 18.38 -33.26
N GLY E 56 28.58 18.61 -32.96
CA GLY E 56 29.66 18.28 -33.88
C GLY E 56 29.94 16.80 -34.02
N PRO E 57 30.87 16.43 -34.93
CA PRO E 57 31.30 15.03 -35.07
C PRO E 57 31.92 14.42 -33.80
N GLU E 58 32.60 15.22 -32.99
CA GLU E 58 33.20 14.77 -31.72
C GLU E 58 32.12 14.18 -30.82
N TYR E 59 30.97 14.88 -30.75
CA TYR E 59 29.78 14.41 -30.02
C TYR E 59 29.30 13.07 -30.57
N TRP E 60 29.05 13.00 -31.87
CA TRP E 60 28.50 11.76 -32.47
C TRP E 60 29.52 10.62 -32.42
N ASP E 61 30.77 10.94 -32.74
CA ASP E 61 31.88 10.01 -32.63
C ASP E 61 31.93 9.42 -31.21
N GLY E 62 32.01 10.29 -30.21
CA GLY E 62 32.12 9.89 -28.80
C GLY E 62 30.91 9.17 -28.23
N GLU E 63 29.74 9.77 -28.35
CA GLU E 63 28.48 9.13 -27.91
C GLU E 63 28.31 7.71 -28.45
N THR E 64 28.73 7.47 -29.73
CA THR E 64 28.68 6.15 -30.33
C THR E 64 29.60 5.17 -29.62
N ARG E 65 30.86 5.57 -29.44
CA ARG E 65 31.84 4.75 -28.70
C ARG E 65 31.24 4.34 -27.35
N LYS E 66 30.63 5.30 -26.65
CA LYS E 66 30.00 5.06 -25.35
C LYS E 66 28.79 4.13 -25.39
N VAL E 67 27.91 4.31 -26.36
CA VAL E 67 26.70 3.47 -26.46
C VAL E 67 27.04 2.02 -26.81
N LYS E 68 28.04 1.84 -27.68
CA LYS E 68 28.59 0.53 -28.01
C LYS E 68 29.11 -0.19 -26.75
N ALA E 69 29.90 0.54 -25.97
CA ALA E 69 30.41 0.04 -24.70
C ALA E 69 29.27 -0.36 -23.75
N HIS E 70 28.24 0.48 -23.67
CA HIS E 70 27.05 0.16 -22.90
C HIS E 70 26.43 -1.17 -23.30
N SER E 71 26.22 -1.36 -24.60
CA SER E 71 25.61 -2.60 -25.11
C SER E 71 26.41 -3.82 -24.73
N GLN E 72 27.74 -3.69 -24.81
CA GLN E 72 28.63 -4.80 -24.53
C GLN E 72 28.61 -5.23 -23.06
N THR E 73 28.43 -4.29 -22.13
CA THR E 73 28.30 -4.65 -20.71
C THR E 73 26.97 -5.39 -20.49
N HIS E 74 25.90 -4.90 -21.09
CA HIS E 74 24.58 -5.54 -20.97
C HIS E 74 24.57 -6.92 -21.60
N ARG E 75 25.37 -7.10 -22.65
CA ARG E 75 25.50 -8.39 -23.33
C ARG E 75 26.04 -9.44 -22.37
N VAL E 76 27.13 -9.09 -21.69
CA VAL E 76 27.70 -9.93 -20.67
C VAL E 76 26.67 -10.13 -19.55
N ASP E 77 26.04 -9.04 -19.11
CA ASP E 77 25.04 -9.08 -18.05
C ASP E 77 23.99 -10.17 -18.27
N LEU E 78 23.49 -10.29 -19.51
CA LEU E 78 22.53 -11.33 -19.86
C LEU E 78 23.05 -12.72 -19.51
N GLY E 79 24.34 -12.95 -19.76
CA GLY E 79 24.99 -14.22 -19.44
C GLY E 79 25.14 -14.45 -17.95
N THR E 80 25.66 -13.46 -17.24
CA THR E 80 25.85 -13.58 -15.80
C THR E 80 24.52 -13.77 -15.08
N LEU E 81 23.50 -13.04 -15.56
CA LEU E 81 22.17 -13.03 -14.93
C LEU E 81 21.48 -14.37 -15.06
N ARG E 82 21.68 -15.03 -16.20
CA ARG E 82 21.16 -16.37 -16.43
C ARG E 82 21.82 -17.36 -15.47
N GLY E 83 23.10 -17.14 -15.19
CA GLY E 83 23.84 -17.94 -14.20
C GLY E 83 23.36 -17.73 -12.78
N TYR E 84 23.21 -16.46 -12.37
CA TYR E 84 22.66 -16.09 -11.04
C TYR E 84 21.32 -16.74 -10.72
N TYR E 85 20.42 -16.78 -11.70
CA TYR E 85 19.13 -17.46 -11.56
C TYR E 85 19.15 -18.87 -12.15
N ASN E 86 20.32 -19.31 -12.61
CA ASN E 86 20.48 -20.64 -13.21
C ASN E 86 19.29 -21.06 -14.07
N GLN E 87 19.18 -20.47 -15.26
CA GLN E 87 18.17 -20.85 -16.21
C GLN E 87 18.83 -21.65 -17.30
N SER E 88 18.03 -22.31 -18.11
CA SER E 88 18.56 -23.12 -19.21
C SER E 88 19.17 -22.22 -20.26
N GLU E 89 19.67 -22.83 -21.32
CA GLU E 89 20.17 -22.08 -22.47
C GLU E 89 19.08 -21.70 -23.47
N ALA E 90 18.02 -22.49 -23.52
CA ALA E 90 16.83 -22.11 -24.28
C ALA E 90 16.11 -20.97 -23.57
N GLY E 91 15.37 -20.17 -24.31
CA GLY E 91 14.54 -19.11 -23.72
C GLY E 91 15.21 -17.76 -23.70
N SER E 92 14.53 -16.76 -24.26
CA SER E 92 15.06 -15.41 -24.39
C SER E 92 14.86 -14.67 -23.08
N HIS E 93 15.80 -13.82 -22.73
CA HIS E 93 15.73 -13.04 -21.50
C HIS E 93 16.00 -11.56 -21.81
N THR E 94 15.57 -10.69 -20.90
CA THR E 94 15.59 -9.24 -21.13
C THR E 94 16.26 -8.48 -19.98
N VAL E 95 17.20 -7.61 -20.33
CA VAL E 95 17.71 -6.62 -19.36
C VAL E 95 17.38 -5.21 -19.81
N GLN E 96 16.97 -4.39 -18.85
CA GLN E 96 16.63 -2.99 -19.08
C GLN E 96 17.31 -2.11 -18.06
N ARG E 97 17.62 -0.89 -18.48
CA ARG E 97 18.28 0.10 -17.64
C ARG E 97 17.75 1.48 -17.95
N MET E 98 17.40 2.21 -16.91
CA MET E 98 16.86 3.55 -17.07
C MET E 98 17.61 4.47 -16.12
N TYR E 99 18.19 5.52 -16.66
CA TYR E 99 18.81 6.55 -15.84
C TYR E 99 18.68 7.92 -16.43
N GLY E 100 18.89 8.91 -15.58
CA GLY E 100 18.80 10.30 -15.98
C GLY E 100 18.65 11.20 -14.78
N CYS E 101 18.38 12.47 -15.06
CA CYS E 101 18.33 13.50 -14.02
C CYS E 101 17.14 14.44 -14.19
N ASP E 102 16.76 15.07 -13.07
CA ASP E 102 15.69 16.08 -13.02
C ASP E 102 16.27 17.44 -12.63
N VAL E 103 15.70 18.51 -13.18
CA VAL E 103 16.05 19.87 -12.77
C VAL E 103 14.79 20.62 -12.36
N GLY E 104 14.93 21.51 -11.38
CA GLY E 104 13.81 22.32 -10.89
C GLY E 104 13.45 23.44 -11.84
N SER E 105 12.53 24.32 -11.41
CA SER E 105 12.18 25.55 -12.17
C SER E 105 13.41 26.41 -12.41
N ASP E 106 14.32 26.38 -11.44
CA ASP E 106 15.59 27.10 -11.48
C ASP E 106 16.70 26.45 -12.31
N TRP E 107 16.41 25.31 -12.95
CA TRP E 107 17.37 24.53 -13.77
C TRP E 107 18.54 23.90 -12.97
N ARG E 108 18.47 24.01 -11.65
CA ARG E 108 19.46 23.38 -10.78
C ARG E 108 19.08 21.92 -10.51
N PHE E 109 20.08 21.10 -10.23
CA PHE E 109 19.86 19.67 -9.97
C PHE E 109 18.81 19.47 -8.90
N LEU E 110 17.88 18.56 -9.17
CA LEU E 110 16.80 18.23 -8.26
C LEU E 110 16.91 16.80 -7.79
N ARG E 111 17.01 15.87 -8.73
CA ARG E 111 16.95 14.45 -8.43
C ARG E 111 17.68 13.65 -9.51
N GLY E 112 18.32 12.56 -9.08
CA GLY E 112 18.95 11.60 -10.00
C GLY E 112 18.39 10.20 -9.76
N TYR E 113 18.42 9.36 -10.78
CA TYR E 113 17.92 7.98 -10.66
C TYR E 113 18.63 7.05 -11.61
N HIS E 114 18.64 5.77 -11.24
CA HIS E 114 19.31 4.74 -12.02
C HIS E 114 18.74 3.40 -11.62
N GLN E 115 18.04 2.75 -12.54
CA GLN E 115 17.38 1.48 -12.25
C GLN E 115 17.78 0.41 -13.25
N TYR E 116 17.83 -0.84 -12.77
CA TYR E 116 18.14 -2.00 -13.59
C TYR E 116 17.01 -3.01 -13.42
N ALA E 117 16.72 -3.76 -14.48
CA ALA E 117 15.68 -4.78 -14.42
C ALA E 117 15.98 -6.01 -15.26
N TYR E 118 15.69 -7.18 -14.69
CA TYR E 118 15.81 -8.43 -15.42
C TYR E 118 14.42 -8.98 -15.70
N ASP E 119 14.21 -9.41 -16.93
CA ASP E 119 12.96 -10.00 -17.38
C ASP E 119 11.72 -9.27 -16.87
N GLY E 120 11.71 -7.95 -17.02
CA GLY E 120 10.54 -7.16 -16.66
C GLY E 120 10.38 -6.83 -15.19
N LYS E 121 11.18 -7.43 -14.31
CA LYS E 121 11.09 -7.20 -12.86
C LYS E 121 12.26 -6.38 -12.35
N ASP E 122 12.01 -5.57 -11.32
CA ASP E 122 13.06 -4.81 -10.63
C ASP E 122 14.22 -5.74 -10.30
N TYR E 123 15.45 -5.33 -10.60
CA TYR E 123 16.64 -6.09 -10.19
C TYR E 123 17.41 -5.34 -9.08
N ILE E 124 18.07 -4.25 -9.44
CA ILE E 124 18.73 -3.36 -8.49
C ILE E 124 18.35 -1.94 -8.86
N ALA E 125 18.35 -1.06 -7.86
CA ALA E 125 18.10 0.36 -8.08
C ALA E 125 19.00 1.20 -7.20
N LEU E 126 19.45 2.33 -7.72
CA LEU E 126 20.17 3.32 -6.93
C LEU E 126 19.13 4.10 -6.15
N LYS E 127 19.39 4.32 -4.86
CA LYS E 127 18.44 5.01 -3.99
C LYS E 127 18.47 6.51 -4.25
N GLU E 128 17.49 7.21 -3.68
CA GLU E 128 17.38 8.67 -3.78
C GLU E 128 18.67 9.44 -3.42
N ASP E 129 19.36 9.01 -2.36
CA ASP E 129 20.59 9.67 -1.88
C ASP E 129 21.80 9.55 -2.84
N LEU E 130 21.67 8.73 -3.89
CA LEU E 130 22.73 8.47 -4.88
C LEU E 130 24.04 7.92 -4.27
N ARG E 131 23.92 7.38 -3.05
CA ARG E 131 25.03 6.86 -2.26
C ARG E 131 24.92 5.36 -2.04
N SER E 132 23.70 4.86 -1.91
CA SER E 132 23.45 3.46 -1.60
C SER E 132 22.52 2.82 -2.63
N TRP E 133 22.48 1.49 -2.61
CA TRP E 133 21.69 0.71 -3.55
C TRP E 133 20.48 0.06 -2.87
N THR E 134 19.58 -0.47 -3.70
CA THR E 134 18.43 -1.28 -3.24
C THR E 134 18.48 -2.58 -4.02
N ALA E 135 19.06 -3.59 -3.40
CA ALA E 135 19.10 -4.93 -3.99
C ALA E 135 17.78 -5.62 -3.70
N ALA E 136 16.77 -5.33 -4.51
CA ALA E 136 15.45 -5.95 -4.35
C ALA E 136 15.52 -7.42 -3.95
N ASP E 137 16.04 -8.25 -4.86
CA ASP E 137 16.07 -9.70 -4.64
C ASP E 137 17.36 -10.21 -4.01
N MET E 138 17.50 -11.53 -3.93
CA MET E 138 18.69 -12.17 -3.32
C MET E 138 19.94 -12.11 -4.21
N ALA E 139 19.83 -12.62 -5.42
CA ALA E 139 20.93 -12.52 -6.42
C ALA E 139 21.43 -11.09 -6.65
N ALA E 140 20.51 -10.13 -6.61
CA ALA E 140 20.83 -8.71 -6.78
C ALA E 140 21.84 -8.20 -5.75
N GLN E 141 21.88 -8.84 -4.58
CA GLN E 141 22.83 -8.47 -3.53
C GLN E 141 24.28 -8.76 -3.91
N THR E 142 24.49 -9.79 -4.75
CA THR E 142 25.81 -10.08 -5.30
C THR E 142 26.31 -8.87 -6.08
N THR E 143 25.49 -8.43 -7.03
CA THR E 143 25.75 -7.23 -7.83
C THR E 143 26.00 -6.04 -6.91
N LYS E 144 25.04 -5.78 -6.02
CA LYS E 144 25.17 -4.72 -5.03
C LYS E 144 26.57 -4.66 -4.40
N HIS E 145 27.12 -5.81 -4.02
CA HIS E 145 28.44 -5.88 -3.35
C HIS E 145 29.56 -5.46 -4.29
N LYS E 146 29.55 -6.00 -5.51
CA LYS E 146 30.49 -5.58 -6.57
C LYS E 146 30.48 -4.07 -6.74
N TRP E 147 29.28 -3.53 -6.91
CA TRP E 147 29.05 -2.12 -7.19
C TRP E 147 29.36 -1.21 -6.00
N GLU E 148 29.21 -1.73 -4.79
CA GLU E 148 29.69 -1.04 -3.59
C GLU E 148 31.21 -1.00 -3.61
N ALA E 149 31.82 -2.16 -3.87
CA ALA E 149 33.28 -2.33 -3.91
C ALA E 149 33.94 -1.47 -4.98
N ALA E 150 33.31 -1.39 -6.16
CA ALA E 150 33.80 -0.55 -7.27
C ALA E 150 33.33 0.92 -7.22
N HIS E 151 32.67 1.32 -6.13
CA HIS E 151 32.17 2.68 -5.92
C HIS E 151 31.35 3.21 -7.09
N VAL E 152 30.53 2.33 -7.66
CA VAL E 152 29.71 2.65 -8.85
C VAL E 152 28.80 3.85 -8.58
N ALA E 153 28.16 3.86 -7.40
CA ALA E 153 27.28 4.94 -6.99
C ALA E 153 27.94 6.32 -7.03
N GLU E 154 29.22 6.40 -6.68
CA GLU E 154 29.97 7.66 -6.66
C GLU E 154 30.15 8.22 -8.06
N GLN E 155 30.53 7.36 -9.01
CA GLN E 155 30.74 7.81 -10.39
C GLN E 155 29.40 8.11 -11.07
N LEU E 156 28.37 7.37 -10.69
CA LEU E 156 27.01 7.66 -11.12
C LEU E 156 26.55 9.00 -10.59
N ARG E 157 26.66 9.20 -9.28
CA ARG E 157 26.31 10.47 -8.67
C ARG E 157 27.05 11.60 -9.36
N ALA E 158 28.36 11.44 -9.51
CA ALA E 158 29.20 12.40 -10.23
C ALA E 158 28.60 12.77 -11.58
N TYR E 159 28.20 11.74 -12.34
CA TYR E 159 27.55 11.96 -13.65
C TYR E 159 26.19 12.65 -13.54
N LEU E 160 25.36 12.15 -12.63
CA LEU E 160 23.99 12.63 -12.47
C LEU E 160 23.91 14.10 -12.00
N GLU E 161 24.78 14.48 -11.07
CA GLU E 161 24.85 15.86 -10.57
C GLU E 161 25.72 16.75 -11.46
N GLY E 162 26.60 16.13 -12.24
CA GLY E 162 27.52 16.84 -13.13
C GLY E 162 27.03 16.92 -14.56
N THR E 163 27.61 16.10 -15.44
CA THR E 163 27.38 16.22 -16.89
C THR E 163 25.90 16.04 -17.30
N CYS E 164 25.17 15.17 -16.60
CA CYS E 164 23.75 14.96 -16.91
C CYS E 164 22.98 16.27 -16.88
N VAL E 165 23.09 16.99 -15.77
CA VAL E 165 22.38 18.25 -15.57
C VAL E 165 22.88 19.32 -16.52
N GLU E 166 24.19 19.46 -16.58
CA GLU E 166 24.84 20.46 -17.43
C GLU E 166 24.43 20.32 -18.88
N TRP E 167 24.44 19.09 -19.39
CA TRP E 167 24.03 18.84 -20.78
C TRP E 167 22.53 18.91 -21.01
N LEU E 168 21.72 18.62 -19.99
CA LEU E 168 20.29 18.86 -20.07
C LEU E 168 20.01 20.35 -20.28
N ARG E 169 20.62 21.18 -19.46
CA ARG E 169 20.52 22.64 -19.58
C ARG E 169 20.94 23.13 -20.95
N ARG E 170 22.04 22.57 -21.45
CA ARG E 170 22.56 22.88 -22.78
C ARG E 170 21.55 22.50 -23.86
N TYR E 171 20.97 21.30 -23.74
CA TYR E 171 19.94 20.82 -24.65
C TYR E 171 18.69 21.70 -24.66
N LEU E 172 18.26 22.10 -23.47
CA LEU E 172 17.12 23.01 -23.31
C LEU E 172 17.34 24.36 -24.00
N GLU E 173 18.58 24.84 -24.01
CA GLU E 173 18.94 26.08 -24.72
C GLU E 173 18.94 25.87 -26.24
N ASN E 174 19.64 24.85 -26.72
CA ASN E 174 19.68 24.53 -28.15
C ASN E 174 18.30 24.24 -28.73
N GLY E 175 17.48 23.52 -27.98
CA GLY E 175 16.13 23.15 -28.41
C GLY E 175 15.02 24.01 -27.85
N LYS E 176 15.35 25.25 -27.47
CA LYS E 176 14.39 26.18 -26.86
C LYS E 176 13.06 26.19 -27.58
N GLU E 177 13.14 26.30 -28.91
CA GLU E 177 11.96 26.38 -29.77
C GLU E 177 11.00 25.19 -29.60
N THR E 178 11.57 24.00 -29.40
CA THR E 178 10.83 22.74 -29.23
C THR E 178 10.47 22.43 -27.76
N LEU E 179 11.49 22.47 -26.90
CA LEU E 179 11.39 21.91 -25.54
C LEU E 179 10.75 22.82 -24.51
N GLN E 180 10.96 24.12 -24.64
CA GLN E 180 10.42 25.12 -23.69
C GLN E 180 9.00 25.63 -24.05
N ARG E 181 8.48 25.23 -25.20
CA ARG E 181 7.16 25.64 -25.67
C ARG E 181 6.12 24.56 -25.36
N THR E 182 4.89 24.97 -25.02
CA THR E 182 3.77 24.06 -24.78
C THR E 182 2.76 24.15 -25.91
N ASP E 183 2.13 23.01 -26.19
CA ASP E 183 1.08 22.92 -27.17
C ASP E 183 -0.21 22.65 -26.42
N ALA E 184 -1.06 23.66 -26.35
CA ALA E 184 -2.37 23.54 -25.72
C ALA E 184 -3.22 22.52 -26.48
N PRO E 185 -4.01 21.71 -25.77
CA PRO E 185 -4.84 20.72 -26.44
C PRO E 185 -5.98 21.30 -27.28
N LYS E 186 -6.14 20.77 -28.49
CA LYS E 186 -7.29 21.05 -29.35
C LYS E 186 -8.39 20.09 -28.90
N THR E 187 -9.55 20.63 -28.55
CA THR E 187 -10.62 19.84 -27.90
C THR E 187 -11.92 19.86 -28.69
N HIS E 188 -12.68 18.77 -28.56
CA HIS E 188 -14.02 18.68 -29.13
C HIS E 188 -14.78 17.49 -28.54
N MET E 189 -16.10 17.53 -28.63
CA MET E 189 -16.94 16.44 -28.11
C MET E 189 -17.66 15.74 -29.22
N THR E 190 -17.77 14.41 -29.14
CA THR E 190 -18.55 13.62 -30.10
C THR E 190 -19.68 12.89 -29.37
N HIS E 191 -20.72 12.52 -30.12
CA HIS E 191 -21.93 11.89 -29.57
C HIS E 191 -22.25 10.60 -30.33
N HIS E 192 -22.47 9.51 -29.59
CA HIS E 192 -22.89 8.23 -30.17
C HIS E 192 -23.96 7.55 -29.36
N ALA E 193 -25.04 7.18 -30.04
CA ALA E 193 -26.12 6.48 -29.38
C ALA E 193 -25.65 5.07 -29.01
N VAL E 194 -25.88 4.68 -27.77
CA VAL E 194 -25.68 3.31 -27.32
C VAL E 194 -26.96 2.56 -27.64
N SER E 195 -28.08 3.12 -27.18
CA SER E 195 -29.42 2.56 -27.38
C SER E 195 -30.32 3.72 -27.76
N ASP E 196 -31.60 3.63 -27.44
CA ASP E 196 -32.47 4.81 -27.56
C ASP E 196 -32.63 5.59 -26.25
N HIS E 197 -32.28 4.96 -25.12
CA HIS E 197 -32.27 5.64 -23.80
C HIS E 197 -30.86 5.94 -23.29
N GLU E 198 -29.83 5.48 -23.99
CA GLU E 198 -28.44 5.76 -23.61
C GLU E 198 -27.62 6.25 -24.81
N ALA E 199 -26.75 7.21 -24.54
CA ALA E 199 -25.82 7.74 -25.52
C ALA E 199 -24.45 7.96 -24.88
N THR E 200 -23.39 7.82 -25.67
CA THR E 200 -22.03 8.08 -25.24
C THR E 200 -21.67 9.51 -25.58
N LEU E 201 -21.12 10.24 -24.61
CA LEU E 201 -20.46 11.49 -24.86
C LEU E 201 -18.97 11.27 -24.72
N ARG E 202 -18.21 11.65 -25.75
CA ARG E 202 -16.74 11.53 -25.74
C ARG E 202 -16.08 12.89 -25.81
N CYS E 203 -15.13 13.12 -24.90
CA CYS E 203 -14.34 14.35 -24.83
C CYS E 203 -12.96 14.08 -25.39
N TRP E 204 -12.50 14.93 -26.31
CA TRP E 204 -11.23 14.73 -26.99
C TRP E 204 -10.22 15.78 -26.60
N ALA E 205 -8.95 15.40 -26.63
CA ALA E 205 -7.83 16.33 -26.52
C ALA E 205 -6.79 15.84 -27.51
N LEU E 206 -6.42 16.72 -28.45
CA LEU E 206 -5.48 16.38 -29.53
C LEU E 206 -4.34 17.40 -29.62
N SER E 207 -3.27 16.99 -30.29
CA SER E 207 -2.10 17.84 -30.56
C SER E 207 -1.55 18.58 -29.34
N PHE E 208 -1.39 17.87 -28.21
CA PHE E 208 -0.90 18.52 -26.98
C PHE E 208 0.47 18.02 -26.52
N TYR E 209 1.24 18.95 -25.96
CA TYR E 209 2.57 18.69 -25.40
C TYR E 209 2.76 19.61 -24.18
N PRO E 210 3.28 19.11 -23.05
CA PRO E 210 3.73 17.72 -22.85
C PRO E 210 2.58 16.73 -22.62
N ALA E 211 2.92 15.45 -22.46
CA ALA E 211 1.91 14.36 -22.40
C ALA E 211 1.02 14.37 -21.16
N GLU E 212 1.46 15.09 -20.12
CA GLU E 212 0.68 15.20 -18.90
C GLU E 212 -0.65 15.88 -19.20
N ILE E 213 -1.75 15.25 -18.79
CA ILE E 213 -3.10 15.82 -18.99
C ILE E 213 -4.16 15.15 -18.09
N THR E 214 -5.25 15.86 -17.80
CA THR E 214 -6.40 15.31 -17.09
C THR E 214 -7.70 15.69 -17.79
N LEU E 215 -8.49 14.68 -18.16
CA LEU E 215 -9.83 14.88 -18.70
C LEU E 215 -10.82 14.27 -17.72
N THR E 216 -11.79 15.06 -17.28
CA THR E 216 -12.84 14.58 -16.39
C THR E 216 -14.20 14.97 -16.93
N TRP E 217 -15.20 14.12 -16.68
CA TRP E 217 -16.58 14.42 -17.01
C TRP E 217 -17.32 14.87 -15.75
N GLN E 218 -18.31 15.74 -15.93
CA GLN E 218 -19.14 16.23 -14.82
C GLN E 218 -20.61 16.30 -15.21
N ARG E 219 -21.48 15.79 -14.33
CA ARG E 219 -22.92 15.94 -14.47
C ARG E 219 -23.39 16.95 -13.43
N ASP E 220 -23.90 18.08 -13.92
CA ASP E 220 -24.38 19.19 -13.07
C ASP E 220 -23.31 19.61 -12.08
N GLY E 221 -22.12 19.87 -12.58
CA GLY E 221 -21.00 20.28 -11.72
C GLY E 221 -20.33 19.18 -10.88
N GLU E 222 -21.02 18.04 -10.66
CA GLU E 222 -20.50 16.94 -9.82
C GLU E 222 -19.72 15.94 -10.68
N ASP E 223 -18.54 15.56 -10.19
CA ASP E 223 -17.60 14.69 -10.94
C ASP E 223 -18.16 13.28 -11.13
N GLN E 224 -17.92 12.71 -12.31
CA GLN E 224 -18.44 11.40 -12.70
C GLN E 224 -17.28 10.42 -12.89
N THR E 225 -16.28 10.53 -12.02
CA THR E 225 -14.98 9.89 -12.21
C THR E 225 -15.03 8.37 -12.38
N GLN E 226 -16.07 7.71 -11.87
CA GLN E 226 -16.17 6.25 -11.97
C GLN E 226 -16.79 5.71 -13.26
N ASP E 227 -17.76 6.43 -13.84
CA ASP E 227 -18.42 5.98 -15.08
C ASP E 227 -17.71 6.47 -16.34
N THR E 228 -16.63 7.23 -16.15
CA THR E 228 -15.80 7.73 -17.23
C THR E 228 -14.83 6.65 -17.72
N GLU E 229 -14.69 6.52 -19.04
CA GLU E 229 -13.71 5.65 -19.65
C GLU E 229 -12.59 6.54 -20.21
N LEU E 230 -11.39 6.41 -19.66
CA LEU E 230 -10.17 7.01 -20.21
C LEU E 230 -9.43 6.00 -21.11
N VAL E 231 -8.67 6.51 -22.07
CA VAL E 231 -7.74 5.68 -22.84
C VAL E 231 -6.33 6.09 -22.48
N GLU E 232 -5.39 5.14 -22.58
CA GLU E 232 -4.00 5.43 -22.32
C GLU E 232 -3.58 6.59 -23.23
N THR E 233 -2.96 7.62 -22.65
CA THR E 233 -2.48 8.77 -23.44
C THR E 233 -1.48 8.29 -24.49
N ARG E 234 -1.75 8.62 -25.74
CA ARG E 234 -1.01 8.05 -26.89
C ARG E 234 -0.29 9.12 -27.71
N PRO E 235 0.85 8.75 -28.36
CA PRO E 235 1.59 9.68 -29.20
C PRO E 235 0.96 9.86 -30.58
N ALA E 236 0.87 11.11 -31.04
CA ALA E 236 0.34 11.44 -32.36
C ALA E 236 1.28 10.98 -33.47
N GLY E 237 2.58 10.95 -33.17
CA GLY E 237 3.59 10.55 -34.14
C GLY E 237 4.35 11.75 -34.63
N ASP E 238 3.76 12.93 -34.46
CA ASP E 238 4.40 14.20 -34.84
C ASP E 238 5.05 14.89 -33.63
N GLY E 239 5.11 14.20 -32.49
CA GLY E 239 5.71 14.76 -31.27
C GLY E 239 4.72 15.33 -30.25
N THR E 240 3.43 15.36 -30.60
CA THR E 240 2.34 15.70 -29.68
C THR E 240 1.60 14.43 -29.25
N PHE E 241 0.65 14.58 -28.32
CA PHE E 241 -0.08 13.46 -27.74
C PHE E 241 -1.59 13.64 -27.88
N GLN E 242 -2.29 12.53 -27.63
CA GLN E 242 -3.75 12.46 -27.73
C GLN E 242 -4.31 11.66 -26.57
N LYS E 243 -5.49 12.05 -26.12
CA LYS E 243 -6.23 11.33 -25.11
C LYS E 243 -7.71 11.68 -25.22
N TRP E 244 -8.59 10.71 -25.02
CA TRP E 244 -10.01 10.99 -24.88
C TRP E 244 -10.62 10.36 -23.66
N ALA E 245 -11.70 10.96 -23.18
CA ALA E 245 -12.49 10.46 -22.05
C ALA E 245 -13.95 10.41 -22.43
N ALA E 246 -14.65 9.31 -22.12
CA ALA E 246 -16.06 9.17 -22.52
C ALA E 246 -16.96 8.71 -21.39
N VAL E 247 -18.23 9.11 -21.44
CA VAL E 247 -19.26 8.63 -20.48
C VAL E 247 -20.54 8.23 -21.18
N VAL E 248 -21.27 7.33 -20.52
CA VAL E 248 -22.58 6.90 -20.96
C VAL E 248 -23.60 7.77 -20.24
N VAL E 249 -24.47 8.37 -21.03
CA VAL E 249 -25.40 9.37 -20.58
C VAL E 249 -26.80 8.88 -20.92
N PRO E 250 -27.78 9.17 -20.05
CA PRO E 250 -29.16 8.92 -20.47
C PRO E 250 -29.61 9.86 -21.60
N SER E 251 -30.19 9.31 -22.66
CA SER E 251 -30.71 10.09 -23.79
C SER E 251 -31.62 11.24 -23.35
N GLY E 252 -31.32 12.43 -23.84
CA GLY E 252 -32.08 13.62 -23.51
C GLY E 252 -31.58 14.31 -22.25
N GLN E 253 -30.39 13.94 -21.80
CA GLN E 253 -29.76 14.62 -20.66
C GLN E 253 -28.31 15.06 -20.92
N GLU E 254 -27.86 14.94 -22.17
CA GLU E 254 -26.49 15.25 -22.56
C GLU E 254 -26.07 16.65 -22.09
N GLN E 255 -27.01 17.58 -22.18
CA GLN E 255 -26.83 18.97 -21.74
C GLN E 255 -26.36 19.15 -20.29
N ARG E 256 -26.68 18.20 -19.42
CA ARG E 256 -26.23 18.23 -18.02
C ARG E 256 -24.73 17.99 -17.87
N TYR E 257 -24.09 17.54 -18.95
CA TYR E 257 -22.71 17.06 -18.89
C TYR E 257 -21.69 18.08 -19.41
N THR E 258 -20.55 18.13 -18.73
CA THR E 258 -19.43 19.01 -19.07
C THR E 258 -18.10 18.27 -18.97
N CYS E 259 -17.14 18.68 -19.79
CA CYS E 259 -15.82 18.08 -19.83
C CYS E 259 -14.81 19.10 -19.37
N HIS E 260 -13.87 18.67 -18.52
CA HIS E 260 -12.88 19.55 -17.93
C HIS E 260 -11.46 19.10 -18.30
N VAL E 261 -10.76 19.96 -19.03
CA VAL E 261 -9.39 19.69 -19.51
C VAL E 261 -8.42 20.44 -18.63
N GLN E 262 -7.31 19.79 -18.29
CA GLN E 262 -6.24 20.40 -17.48
C GLN E 262 -4.90 20.15 -18.14
N HIS E 263 -4.10 21.21 -18.30
CA HIS E 263 -2.85 21.15 -19.08
C HIS E 263 -2.05 22.48 -18.97
N GLU E 264 -0.73 22.42 -19.02
CA GLU E 264 0.15 23.62 -18.91
C GLU E 264 -0.05 24.64 -20.02
N GLY E 265 -0.29 24.12 -21.22
CA GLY E 265 -0.59 24.91 -22.41
C GLY E 265 -1.81 25.80 -22.26
N LEU E 266 -2.77 25.37 -21.43
CA LEU E 266 -3.96 26.17 -21.13
C LEU E 266 -3.68 27.16 -20.01
N PRO E 267 -3.98 28.47 -20.24
CA PRO E 267 -3.82 29.48 -19.18
C PRO E 267 -4.65 29.15 -17.93
N LYS E 268 -5.88 28.69 -18.15
CA LYS E 268 -6.75 28.23 -17.08
C LYS E 268 -7.51 26.99 -17.59
N PRO E 269 -7.93 26.09 -16.67
CA PRO E 269 -8.67 24.87 -17.03
C PRO E 269 -9.96 25.10 -17.87
N LEU E 270 -10.00 24.51 -19.08
CA LEU E 270 -11.14 24.64 -19.98
C LEU E 270 -12.32 23.81 -19.51
N THR E 271 -13.50 24.40 -19.59
CA THR E 271 -14.75 23.68 -19.33
C THR E 271 -15.55 23.68 -20.62
N LEU E 272 -15.84 22.47 -21.12
CA LEU E 272 -16.57 22.27 -22.36
C LEU E 272 -17.97 21.72 -22.13
N ARG E 273 -18.96 22.53 -22.44
CA ARG E 273 -20.36 22.11 -22.39
C ARG E 273 -20.71 21.34 -23.63
N TRP E 274 -21.47 20.25 -23.46
CA TRP E 274 -22.09 19.60 -24.61
C TRP E 274 -23.06 20.54 -25.32
N GLU E 275 -23.81 21.28 -24.52
CA GLU E 275 -24.78 22.26 -25.01
C GLU E 275 -24.51 23.59 -24.32
N PRO E 276 -23.79 24.49 -25.02
CA PRO E 276 -23.46 25.80 -24.48
C PRO E 276 -24.69 26.55 -23.98
N ILE F 1 7.34 -13.79 -15.88
CA ILE F 1 5.98 -13.14 -15.88
C ILE F 1 5.75 -12.23 -17.10
N GLN F 2 4.62 -12.42 -17.78
CA GLN F 2 4.34 -11.79 -19.08
C GLN F 2 3.15 -10.83 -19.08
N ARG F 3 3.14 -9.92 -20.05
CA ARG F 3 2.06 -8.94 -20.21
C ARG F 3 1.59 -8.86 -21.64
N THR F 4 0.27 -8.83 -21.80
CA THR F 4 -0.36 -8.79 -23.12
C THR F 4 -0.50 -7.33 -23.61
N PRO F 5 -0.23 -7.07 -24.90
CA PRO F 5 -0.20 -5.69 -25.35
C PRO F 5 -1.58 -5.07 -25.45
N LYS F 6 -1.63 -3.78 -25.13
CA LYS F 6 -2.83 -2.97 -25.31
C LYS F 6 -2.72 -2.28 -26.66
N ILE F 7 -3.69 -2.51 -27.54
CA ILE F 7 -3.66 -1.96 -28.90
C ILE F 7 -4.57 -0.74 -28.99
N GLN F 8 -4.09 0.31 -29.67
CA GLN F 8 -4.92 1.45 -30.03
C GLN F 8 -4.64 1.82 -31.47
N VAL F 9 -5.68 1.81 -32.31
CA VAL F 9 -5.55 2.21 -33.70
C VAL F 9 -6.25 3.53 -33.90
N TYR F 10 -5.52 4.50 -34.42
CA TYR F 10 -6.02 5.85 -34.57
C TYR F 10 -5.23 6.56 -35.66
N SER F 11 -5.65 7.76 -36.01
CA SER F 11 -4.93 8.55 -37.01
C SER F 11 -4.19 9.70 -36.34
N ARG F 12 -3.12 10.17 -36.99
CA ARG F 12 -2.33 11.29 -36.47
C ARG F 12 -3.18 12.55 -36.35
N HIS F 13 -3.74 12.98 -37.49
CA HIS F 13 -4.59 14.17 -37.57
C HIS F 13 -6.03 13.74 -37.73
N PRO F 14 -6.99 14.60 -37.35
CA PRO F 14 -8.41 14.23 -37.49
C PRO F 14 -8.73 13.76 -38.89
N ALA F 15 -9.45 12.65 -38.98
CA ALA F 15 -9.71 12.00 -40.26
C ALA F 15 -10.63 12.84 -41.15
N GLU F 16 -10.19 13.10 -42.38
CA GLU F 16 -10.96 13.82 -43.40
C GLU F 16 -10.77 13.09 -44.72
N ASN F 17 -11.82 12.42 -45.19
CA ASN F 17 -11.77 11.51 -46.33
C ASN F 17 -10.80 11.86 -47.47
N GLY F 18 -10.90 13.07 -48.00
CA GLY F 18 -10.01 13.47 -49.09
C GLY F 18 -8.54 13.58 -48.69
N LYS F 19 -8.33 14.35 -47.63
CA LYS F 19 -7.01 14.72 -47.06
C LYS F 19 -6.14 13.51 -46.67
N SER F 20 -4.83 13.73 -46.66
CA SER F 20 -3.87 12.69 -46.27
C SER F 20 -3.53 12.76 -44.77
N ASN F 21 -3.18 11.61 -44.23
CA ASN F 21 -2.99 11.41 -42.80
C ASN F 21 -1.90 10.38 -42.57
N PHE F 22 -1.72 10.02 -41.30
CA PHE F 22 -0.92 8.88 -40.90
C PHE F 22 -1.79 7.93 -40.06
N LEU F 23 -1.72 6.64 -40.36
CA LEU F 23 -2.42 5.61 -39.59
C LEU F 23 -1.51 5.05 -38.49
N ASN F 24 -1.88 5.26 -37.24
CA ASN F 24 -1.09 4.83 -36.09
C ASN F 24 -1.61 3.55 -35.44
N CYS F 25 -0.69 2.72 -34.95
CA CYS F 25 -1.04 1.58 -34.11
C CYS F 25 -0.11 1.55 -32.88
N TYR F 26 -0.66 1.89 -31.72
CA TYR F 26 0.13 2.03 -30.50
C TYR F 26 -0.09 0.82 -29.61
N VAL F 27 0.91 -0.05 -29.59
CA VAL F 27 0.93 -1.20 -28.70
C VAL F 27 1.76 -0.83 -27.49
N SER F 28 1.26 -1.18 -26.31
CA SER F 28 1.87 -0.74 -25.05
C SER F 28 1.54 -1.66 -23.89
N GLY F 29 2.35 -1.58 -22.83
CA GLY F 29 2.10 -2.32 -21.61
C GLY F 29 2.28 -3.81 -21.74
N PHE F 30 3.25 -4.23 -22.53
CA PHE F 30 3.48 -5.65 -22.81
C PHE F 30 4.86 -6.11 -22.40
N HIS F 31 5.02 -7.43 -22.35
CA HIS F 31 6.30 -8.10 -22.04
C HIS F 31 6.24 -9.59 -22.39
N PRO F 32 7.23 -10.15 -23.09
CA PRO F 32 8.48 -9.53 -23.53
C PRO F 32 8.38 -8.56 -24.73
N SER F 33 9.53 -8.02 -25.14
CA SER F 33 9.61 -6.98 -26.17
C SER F 33 9.26 -7.44 -27.59
N ASP F 34 9.40 -8.74 -27.85
CA ASP F 34 9.15 -9.27 -29.19
C ASP F 34 7.69 -9.17 -29.54
N ILE F 35 7.40 -8.56 -30.68
CA ILE F 35 6.02 -8.33 -31.13
C ILE F 35 5.91 -8.09 -32.65
N GLU F 36 4.83 -8.60 -33.24
CA GLU F 36 4.55 -8.44 -34.67
C GLU F 36 3.34 -7.54 -34.83
N VAL F 37 3.54 -6.41 -35.51
CA VAL F 37 2.50 -5.40 -35.70
C VAL F 37 2.43 -5.06 -37.18
N ASP F 38 1.27 -5.29 -37.79
CA ASP F 38 1.03 -4.94 -39.20
C ASP F 38 -0.11 -3.97 -39.34
N LEU F 39 -0.04 -3.16 -40.39
CA LEU F 39 -1.13 -2.27 -40.75
C LEU F 39 -1.81 -2.82 -41.98
N LEU F 40 -3.14 -2.86 -41.93
CA LEU F 40 -3.96 -3.49 -42.95
C LEU F 40 -4.83 -2.49 -43.69
N LYS F 41 -4.75 -2.54 -45.01
CA LYS F 41 -5.62 -1.78 -45.92
C LYS F 41 -6.60 -2.79 -46.50
N ASN F 42 -7.89 -2.60 -46.21
CA ASN F 42 -8.98 -3.49 -46.69
C ASN F 42 -8.62 -4.96 -46.55
N GLY F 43 -8.09 -5.34 -45.38
CA GLY F 43 -7.68 -6.72 -45.10
C GLY F 43 -6.27 -7.10 -45.53
N GLU F 44 -5.74 -6.42 -46.55
CA GLU F 44 -4.39 -6.70 -47.06
C GLU F 44 -3.34 -5.90 -46.31
N ARG F 45 -2.18 -6.52 -46.12
CA ARG F 45 -1.09 -5.91 -45.38
C ARG F 45 -0.41 -4.77 -46.15
N ILE F 46 -0.22 -3.65 -45.46
CA ILE F 46 0.45 -2.50 -46.02
C ILE F 46 1.96 -2.72 -45.97
N GLU F 47 2.62 -2.54 -47.11
CA GLU F 47 4.09 -2.64 -47.23
C GLU F 47 4.79 -1.40 -46.70
N LYS F 48 6.00 -1.58 -46.20
CA LYS F 48 6.81 -0.45 -45.73
C LYS F 48 6.12 0.35 -44.62
N VAL F 49 5.98 -0.27 -43.46
CA VAL F 49 5.42 0.40 -42.29
C VAL F 49 6.55 0.63 -41.29
N GLU F 50 6.75 1.88 -40.91
CA GLU F 50 7.81 2.25 -39.97
C GLU F 50 7.35 2.11 -38.53
N HIS F 51 8.30 2.11 -37.60
CA HIS F 51 7.99 2.10 -36.17
C HIS F 51 8.95 2.92 -35.31
N SER F 52 8.49 3.33 -34.12
CA SER F 52 9.32 4.06 -33.17
C SER F 52 10.32 3.11 -32.55
N ASP F 53 11.31 3.66 -31.87
CA ASP F 53 12.34 2.85 -31.21
C ASP F 53 11.80 2.27 -29.92
N LEU F 54 12.24 1.06 -29.60
CA LEU F 54 11.75 0.37 -28.43
C LEU F 54 12.09 1.14 -27.16
N SER F 55 11.05 1.50 -26.40
CA SER F 55 11.22 2.12 -25.09
C SER F 55 10.23 1.49 -24.12
N PHE F 56 10.27 1.91 -22.85
CA PHE F 56 9.41 1.30 -21.81
C PHE F 56 8.96 2.29 -20.74
N SER F 57 7.87 1.91 -20.07
CA SER F 57 7.25 2.73 -19.02
C SER F 57 7.83 2.40 -17.66
N LYS F 58 7.47 3.17 -16.64
CA LYS F 58 7.97 2.95 -15.29
C LYS F 58 7.86 1.50 -14.85
N ASP F 59 6.70 0.89 -15.09
CA ASP F 59 6.46 -0.49 -14.67
C ASP F 59 7.32 -1.53 -15.39
N TRP F 60 8.18 -1.08 -16.34
CA TRP F 60 9.12 -1.92 -17.14
C TRP F 60 8.55 -2.49 -18.45
N SER F 61 7.23 -2.39 -18.62
CA SER F 61 6.55 -2.86 -19.82
C SER F 61 6.88 -1.97 -21.03
N PHE F 62 6.84 -2.56 -22.21
CA PHE F 62 7.26 -1.88 -23.43
C PHE F 62 6.12 -1.13 -24.14
N TYR F 63 6.50 -0.20 -25.01
CA TYR F 63 5.57 0.45 -25.94
C TYR F 63 6.23 0.76 -27.29
N LEU F 64 5.45 0.63 -28.35
CA LEU F 64 5.90 0.93 -29.71
C LEU F 64 4.77 1.60 -30.48
N LEU F 65 5.14 2.52 -31.37
CA LEU F 65 4.19 3.14 -32.29
C LEU F 65 4.52 2.71 -33.71
N TYR F 66 3.63 1.94 -34.32
CA TYR F 66 3.73 1.60 -35.76
C TYR F 66 2.88 2.57 -36.56
N TYR F 67 3.43 3.08 -37.66
CA TYR F 67 2.73 4.06 -38.49
C TYR F 67 3.06 3.96 -39.97
N THR F 68 2.10 4.36 -40.80
CA THR F 68 2.28 4.54 -42.23
C THR F 68 1.42 5.73 -42.62
N GLU F 69 1.70 6.33 -43.76
CA GLU F 69 0.80 7.37 -44.29
C GLU F 69 -0.26 6.73 -45.14
N PHE F 70 -1.43 7.36 -45.15
CA PHE F 70 -2.62 6.82 -45.83
C PHE F 70 -3.64 7.91 -46.13
N THR F 71 -4.66 7.55 -46.90
CA THR F 71 -5.81 8.43 -47.15
C THR F 71 -7.09 7.78 -46.65
N PRO F 72 -7.76 8.40 -45.64
CA PRO F 72 -9.06 7.89 -45.19
C PRO F 72 -10.13 7.90 -46.29
N THR F 73 -11.13 7.04 -46.18
CA THR F 73 -12.20 6.95 -47.19
C THR F 73 -13.47 6.37 -46.58
N GLU F 74 -14.63 6.90 -46.99
CA GLU F 74 -15.92 6.27 -46.70
C GLU F 74 -16.12 4.95 -47.51
N LYS F 75 -15.05 4.16 -47.64
CA LYS F 75 -15.03 2.92 -48.43
C LYS F 75 -13.93 1.92 -47.98
N ASP F 76 -12.72 2.42 -47.74
CA ASP F 76 -11.57 1.61 -47.31
C ASP F 76 -11.58 1.31 -45.80
N GLU F 77 -11.49 0.03 -45.43
CA GLU F 77 -11.41 -0.38 -44.04
C GLU F 77 -9.93 -0.63 -43.65
N TYR F 78 -9.45 0.12 -42.67
CA TYR F 78 -8.09 0.00 -42.16
C TYR F 78 -8.07 -0.68 -40.81
N ALA F 79 -6.99 -1.39 -40.53
CA ALA F 79 -6.85 -2.10 -39.25
C ALA F 79 -5.38 -2.34 -38.85
N CYS F 80 -5.21 -2.81 -37.61
CA CYS F 80 -3.91 -3.21 -37.08
C CYS F 80 -3.94 -4.65 -36.63
N ARG F 81 -2.95 -5.43 -37.06
CA ARG F 81 -2.83 -6.83 -36.68
C ARG F 81 -1.66 -7.01 -35.73
N VAL F 82 -1.96 -7.38 -34.49
CA VAL F 82 -0.94 -7.56 -33.46
C VAL F 82 -0.87 -9.03 -33.08
N ASN F 83 0.36 -9.54 -32.95
CA ASN F 83 0.58 -10.90 -32.46
C ASN F 83 1.76 -10.95 -31.51
N HIS F 84 1.54 -11.61 -30.39
CA HIS F 84 2.47 -11.65 -29.27
C HIS F 84 2.54 -13.09 -28.75
N VAL F 85 3.45 -13.29 -27.81
CA VAL F 85 3.61 -14.56 -27.12
C VAL F 85 2.38 -14.85 -26.26
N THR F 86 1.79 -13.79 -25.72
CA THR F 86 0.62 -13.91 -24.84
C THR F 86 -0.66 -14.19 -25.62
N LEU F 87 -0.71 -13.76 -26.87
CA LEU F 87 -1.88 -14.01 -27.71
C LEU F 87 -1.77 -15.39 -28.35
N SER F 88 -2.85 -16.16 -28.22
CA SER F 88 -2.95 -17.51 -28.80
C SER F 88 -2.84 -17.49 -30.32
N GLN F 89 -3.50 -16.52 -30.96
CA GLN F 89 -3.35 -16.26 -32.40
C GLN F 89 -3.44 -14.75 -32.65
N PRO F 90 -3.08 -14.27 -33.85
CA PRO F 90 -3.09 -12.81 -34.08
C PRO F 90 -4.44 -12.18 -33.76
N LYS F 91 -4.41 -10.93 -33.30
CA LYS F 91 -5.62 -10.18 -32.96
C LYS F 91 -5.71 -8.97 -33.89
N ILE F 92 -6.91 -8.70 -34.41
CA ILE F 92 -7.11 -7.64 -35.40
C ILE F 92 -8.03 -6.57 -34.85
N VAL F 93 -7.51 -5.35 -34.77
CA VAL F 93 -8.28 -4.20 -34.30
C VAL F 93 -8.58 -3.26 -35.46
N LYS F 94 -9.86 -3.17 -35.83
CA LYS F 94 -10.34 -2.20 -36.82
C LYS F 94 -10.07 -0.78 -36.38
N TRP F 95 -9.81 0.09 -37.36
CA TRP F 95 -9.64 1.51 -37.12
C TRP F 95 -11.01 2.17 -37.15
N ASP F 96 -11.44 2.65 -35.99
CA ASP F 96 -12.63 3.47 -35.88
C ASP F 96 -12.16 4.91 -35.93
N ARG F 97 -12.83 5.76 -36.70
CA ARG F 97 -12.43 7.17 -36.84
C ARG F 97 -12.58 8.01 -35.54
N ASP F 98 -13.04 7.39 -34.44
CA ASP F 98 -13.02 8.00 -33.09
C ASP F 98 -13.04 6.98 -31.88
N MET F 99 -12.44 5.79 -32.10
CA MET F 99 -12.19 4.73 -31.09
C MET F 99 -13.43 4.05 -30.49
N ARG G 1 23.40 13.48 -22.99
CA ARG G 1 24.72 12.79 -23.11
C ARG G 1 24.80 11.57 -22.20
N LEU G 2 25.20 10.44 -22.75
CA LEU G 2 25.37 9.20 -22.00
C LEU G 2 26.43 9.32 -20.93
N SER G 3 26.26 8.56 -19.86
CA SER G 3 27.33 8.42 -18.85
C SER G 3 28.41 7.55 -19.45
N SER G 4 29.55 7.49 -18.75
CA SER G 4 30.60 6.55 -19.11
C SER G 4 30.18 5.14 -18.69
N PRO G 5 30.63 4.10 -19.43
CA PRO G 5 30.27 2.69 -19.18
C PRO G 5 30.22 2.33 -17.71
N LEU G 6 29.23 1.52 -17.35
CA LEU G 6 28.98 1.16 -15.95
C LEU G 6 29.33 -0.31 -15.79
N HIS G 7 29.42 -0.77 -14.54
CA HIS G 7 29.93 -2.13 -14.28
C HIS G 7 28.91 -3.21 -14.71
N PHE G 8 29.46 -4.38 -15.04
CA PHE G 8 28.70 -5.62 -15.21
C PHE G 8 27.96 -5.93 -13.91
N VAL G 9 26.86 -6.67 -14.03
CA VAL G 9 26.09 -7.07 -12.85
C VAL G 9 26.76 -8.24 -12.14
N PRO H 1 -44.43 -4.70 -22.82
CA PRO H 1 -44.62 -6.16 -22.99
C PRO H 1 -43.27 -6.93 -23.15
N LYS H 2 -42.56 -7.13 -22.03
CA LYS H 2 -41.15 -7.66 -21.99
C LYS H 2 -40.78 -8.79 -22.96
N PRO H 3 -39.74 -8.58 -23.79
CA PRO H 3 -39.19 -9.62 -24.66
C PRO H 3 -38.16 -10.48 -23.94
N THR H 4 -37.68 -11.50 -24.62
CA THR H 4 -36.72 -12.46 -24.08
C THR H 4 -35.49 -12.56 -24.98
N LEU H 5 -34.31 -12.74 -24.40
CA LEU H 5 -33.03 -12.78 -25.15
C LEU H 5 -32.13 -13.92 -24.69
N TRP H 6 -31.81 -14.83 -25.60
CA TRP H 6 -30.92 -15.95 -25.32
C TRP H 6 -29.96 -16.12 -26.50
N ALA H 7 -29.04 -17.08 -26.37
CA ALA H 7 -28.05 -17.36 -27.43
C ALA H 7 -27.93 -18.86 -27.73
N GLU H 8 -27.70 -19.17 -29.02
CA GLU H 8 -27.52 -20.53 -29.49
C GLU H 8 -26.15 -20.62 -30.16
N PRO H 9 -25.35 -21.64 -29.85
CA PRO H 9 -25.68 -22.74 -28.93
C PRO H 9 -25.62 -22.37 -27.44
N GLY H 10 -24.71 -21.46 -27.09
CA GLY H 10 -24.54 -20.98 -25.71
C GLY H 10 -24.15 -19.50 -25.74
N SER H 11 -23.91 -18.92 -24.56
CA SER H 11 -23.47 -17.51 -24.44
C SER H 11 -21.96 -17.38 -24.26
N VAL H 12 -21.25 -18.50 -24.19
CA VAL H 12 -19.79 -18.52 -24.07
C VAL H 12 -19.24 -19.33 -25.23
N ILE H 13 -18.63 -18.64 -26.19
CA ILE H 13 -18.23 -19.22 -27.49
C ILE H 13 -16.74 -18.99 -27.76
N THR H 14 -16.07 -20.04 -28.25
CA THR H 14 -14.67 -19.96 -28.67
C THR H 14 -14.55 -19.09 -29.91
N GLN H 15 -13.47 -18.31 -30.01
CA GLN H 15 -13.30 -17.41 -31.15
C GLN H 15 -13.11 -18.15 -32.47
N GLY H 16 -13.80 -17.66 -33.50
CA GLY H 16 -13.91 -18.35 -34.79
C GLY H 16 -15.23 -19.09 -34.92
N SER H 17 -15.71 -19.64 -33.81
CA SER H 17 -16.92 -20.43 -33.77
C SER H 17 -18.22 -19.58 -34.02
N PRO H 18 -19.26 -20.20 -34.63
CA PRO H 18 -20.52 -19.49 -34.91
C PRO H 18 -21.41 -19.33 -33.70
N VAL H 19 -22.24 -18.30 -33.72
CA VAL H 19 -23.27 -18.06 -32.68
C VAL H 19 -24.43 -17.21 -33.25
N THR H 20 -25.63 -17.46 -32.74
CA THR H 20 -26.80 -16.68 -33.12
C THR H 20 -27.54 -16.21 -31.87
N LEU H 21 -27.54 -14.88 -31.66
CA LEU H 21 -28.34 -14.26 -30.61
C LEU H 21 -29.79 -14.20 -31.07
N ARG H 22 -30.71 -14.49 -30.17
CA ARG H 22 -32.13 -14.56 -30.50
C ARG H 22 -33.01 -13.78 -29.54
N CYS H 23 -33.98 -13.05 -30.10
CA CYS H 23 -34.97 -12.31 -29.33
C CYS H 23 -36.40 -12.73 -29.72
N GLN H 24 -37.26 -12.95 -28.71
CA GLN H 24 -38.68 -13.29 -28.90
C GLN H 24 -39.60 -12.52 -27.92
N GLY H 25 -40.85 -12.26 -28.33
CA GLY H 25 -41.84 -11.59 -27.47
C GLY H 25 -43.29 -11.72 -27.95
N GLU H 31 -40.20 -6.40 -35.77
CA GLU H 31 -40.23 -5.13 -35.05
C GLU H 31 -39.18 -5.10 -33.94
N TYR H 32 -38.13 -5.88 -34.12
CA TYR H 32 -37.01 -5.94 -33.10
C TYR H 32 -35.86 -4.97 -33.37
N ARG H 33 -35.33 -4.49 -32.23
CA ARG H 33 -34.02 -3.84 -32.04
C ARG H 33 -33.18 -4.34 -30.81
N LEU H 34 -32.02 -4.89 -31.14
CA LEU H 34 -30.87 -5.38 -30.36
C LEU H 34 -29.80 -4.31 -30.21
N TYR H 35 -29.14 -4.29 -29.04
CA TYR H 35 -28.01 -3.39 -28.81
C TYR H 35 -27.05 -3.88 -27.74
N ARG H 36 -25.78 -3.49 -27.88
CA ARG H 36 -24.76 -3.70 -26.85
C ARG H 36 -24.68 -2.51 -25.89
N GLU H 37 -24.54 -2.80 -24.60
CA GLU H 37 -24.43 -1.76 -23.59
C GLU H 37 -23.08 -1.06 -23.74
N LYS H 38 -22.92 0.06 -23.04
CA LYS H 38 -21.67 0.81 -23.06
C LYS H 38 -21.27 1.34 -24.44
N LYS H 39 -20.77 0.44 -25.28
CA LYS H 39 -20.29 0.80 -26.60
C LYS H 39 -21.16 0.20 -27.69
N THR H 40 -21.20 0.88 -28.83
CA THR H 40 -22.00 0.42 -29.98
C THR H 40 -21.36 -0.78 -30.66
N ALA H 41 -22.19 -1.71 -31.11
CA ALA H 41 -21.72 -2.88 -31.82
C ALA H 41 -22.12 -2.82 -33.31
N PRO H 42 -21.18 -2.38 -34.17
CA PRO H 42 -21.44 -2.27 -35.62
C PRO H 42 -22.02 -3.52 -36.28
N TRP H 43 -21.53 -4.70 -35.89
CA TRP H 43 -21.98 -5.97 -36.50
C TRP H 43 -23.51 -6.09 -36.59
N ILE H 44 -24.21 -5.54 -35.59
CA ILE H 44 -25.69 -5.61 -35.49
C ILE H 44 -26.36 -4.87 -36.66
N THR H 45 -25.91 -3.63 -36.92
CA THR H 45 -26.54 -2.78 -37.96
C THR H 45 -26.20 -3.21 -39.41
N ARG H 46 -25.83 -4.47 -39.59
CA ARG H 46 -25.63 -5.07 -40.91
C ARG H 46 -26.48 -6.32 -41.13
N ILE H 47 -27.08 -6.85 -40.07
CA ILE H 47 -27.94 -8.03 -40.17
C ILE H 47 -29.16 -7.62 -41.00
N PRO H 48 -29.41 -8.32 -42.12
CA PRO H 48 -30.52 -7.98 -43.01
C PRO H 48 -31.92 -8.21 -42.40
N GLN H 49 -32.88 -7.39 -42.80
CA GLN H 49 -34.24 -7.49 -42.30
C GLN H 49 -34.74 -8.93 -42.36
N GLU H 50 -34.23 -9.70 -43.32
CA GLU H 50 -34.62 -11.09 -43.47
C GLU H 50 -34.25 -11.92 -42.24
N LEU H 51 -33.83 -11.22 -41.19
CA LEU H 51 -33.45 -11.89 -39.95
C LEU H 51 -33.80 -11.04 -38.73
N VAL H 52 -33.73 -9.73 -38.88
CA VAL H 52 -34.04 -8.80 -37.79
C VAL H 52 -35.54 -8.88 -37.45
N LYS H 53 -36.37 -8.87 -38.50
CA LYS H 53 -37.84 -9.06 -38.39
C LYS H 53 -38.21 -10.42 -37.78
N LYS H 54 -37.47 -11.46 -38.17
CA LYS H 54 -37.64 -12.80 -37.61
C LYS H 54 -37.21 -12.90 -36.13
N GLY H 55 -36.41 -11.93 -35.67
CA GLY H 55 -35.97 -11.85 -34.27
C GLY H 55 -34.75 -12.70 -34.02
N GLN H 56 -33.79 -12.63 -34.94
CA GLN H 56 -32.59 -13.47 -34.88
C GLN H 56 -31.39 -12.76 -35.54
N PHE H 57 -30.27 -12.78 -34.83
CA PHE H 57 -29.05 -12.10 -35.24
C PHE H 57 -27.90 -13.11 -35.24
N PRO H 58 -27.48 -13.59 -36.43
CA PRO H 58 -26.41 -14.56 -36.48
C PRO H 58 -25.04 -13.89 -36.55
N ILE H 59 -24.05 -14.63 -36.09
CA ILE H 59 -22.65 -14.29 -36.27
C ILE H 59 -21.95 -15.55 -36.82
N PRO H 60 -21.48 -15.51 -38.09
CA PRO H 60 -20.88 -16.69 -38.72
C PRO H 60 -19.58 -17.13 -38.04
N SER H 61 -18.72 -16.14 -37.76
CA SER H 61 -17.44 -16.37 -37.11
C SER H 61 -17.27 -15.28 -36.06
N ILE H 62 -17.20 -15.66 -34.78
CA ILE H 62 -17.11 -14.68 -33.70
C ILE H 62 -15.66 -14.22 -33.48
N THR H 63 -15.48 -12.91 -33.37
CA THR H 63 -14.25 -12.28 -32.89
C THR H 63 -14.54 -11.51 -31.60
N TRP H 64 -13.47 -10.97 -31.03
CA TRP H 64 -13.54 -10.17 -29.79
C TRP H 64 -14.47 -8.94 -29.89
N GLU H 65 -14.73 -8.47 -31.11
CA GLU H 65 -15.56 -7.30 -31.32
C GLU H 65 -17.05 -7.56 -31.05
N HIS H 66 -17.45 -8.81 -30.89
CA HIS H 66 -18.85 -9.15 -30.56
C HIS H 66 -19.07 -9.25 -29.05
N ALA H 67 -18.00 -9.44 -28.30
CA ALA H 67 -18.10 -9.62 -26.86
C ALA H 67 -18.77 -8.42 -26.19
N GLY H 68 -19.70 -8.69 -25.27
CA GLY H 68 -20.34 -7.61 -24.51
C GLY H 68 -21.65 -7.93 -23.83
N ARG H 69 -22.20 -6.91 -23.19
CA ARG H 69 -23.52 -6.98 -22.55
C ARG H 69 -24.57 -6.55 -23.55
N TYR H 70 -25.50 -7.45 -23.87
CA TYR H 70 -26.54 -7.16 -24.85
C TYR H 70 -27.93 -7.16 -24.21
N ARG H 71 -28.72 -6.15 -24.55
CA ARG H 71 -30.16 -6.10 -24.24
C ARG H 71 -30.92 -6.10 -25.57
N CYS H 72 -32.20 -6.41 -25.47
CA CYS H 72 -33.07 -6.46 -26.63
C CYS H 72 -34.44 -5.88 -26.31
N TYR H 73 -35.10 -5.34 -27.34
CA TYR H 73 -36.48 -4.84 -27.24
C TYR H 73 -37.15 -4.75 -28.63
N TYR H 74 -38.48 -4.60 -28.63
CA TYR H 74 -39.25 -4.20 -29.83
C TYR H 74 -40.07 -2.94 -29.50
N GLY H 75 -40.36 -2.14 -30.52
CA GLY H 75 -41.10 -0.88 -30.34
C GLY H 75 -40.20 0.34 -30.47
N SER H 76 -40.79 1.52 -30.58
CA SER H 76 -40.05 2.75 -30.81
C SER H 76 -40.66 3.97 -30.11
N ASP H 77 -40.62 3.96 -28.78
CA ASP H 77 -41.06 5.10 -27.94
C ASP H 77 -42.28 5.77 -28.58
N THR H 78 -42.03 6.55 -29.65
CA THR H 78 -42.99 6.92 -30.69
C THR H 78 -43.86 5.72 -31.07
N ALA H 79 -45.08 5.70 -30.54
CA ALA H 79 -46.04 4.60 -30.73
C ALA H 79 -45.48 3.20 -30.40
N GLY H 80 -45.47 2.85 -29.12
CA GLY H 80 -45.05 1.54 -28.64
C GLY H 80 -43.58 1.45 -28.24
N ARG H 81 -43.31 0.73 -27.16
CA ARG H 81 -41.95 0.30 -26.75
C ARG H 81 -42.01 -0.70 -25.59
N SER H 82 -41.60 -1.94 -25.86
CA SER H 82 -41.46 -2.94 -24.80
C SER H 82 -40.29 -2.58 -23.90
N GLU H 83 -40.40 -2.94 -22.63
CA GLU H 83 -39.27 -2.83 -21.71
C GLU H 83 -38.11 -3.72 -22.21
N SER H 84 -36.87 -3.30 -21.96
CA SER H 84 -35.69 -4.03 -22.41
C SER H 84 -35.61 -5.40 -21.71
N SER H 85 -35.10 -6.41 -22.41
CA SER H 85 -34.96 -7.76 -21.85
C SER H 85 -33.90 -7.85 -20.74
N ASP H 86 -33.77 -9.03 -20.14
CA ASP H 86 -32.66 -9.32 -19.24
C ASP H 86 -31.37 -9.27 -20.06
N PRO H 87 -30.23 -8.90 -19.43
CA PRO H 87 -28.99 -8.82 -20.20
C PRO H 87 -28.40 -10.20 -20.52
N LEU H 88 -27.78 -10.30 -21.69
CA LEU H 88 -27.01 -11.46 -22.10
C LEU H 88 -25.54 -11.06 -22.20
N GLU H 89 -24.66 -11.85 -21.58
CA GLU H 89 -23.22 -11.60 -21.68
C GLU H 89 -22.59 -12.59 -22.66
N LEU H 90 -22.36 -12.11 -23.89
CA LEU H 90 -21.70 -12.88 -24.92
C LEU H 90 -20.19 -12.85 -24.70
N VAL H 91 -19.63 -14.02 -24.43
CA VAL H 91 -18.22 -14.16 -24.08
C VAL H 91 -17.48 -14.87 -25.19
N VAL H 92 -16.32 -14.32 -25.53
CA VAL H 92 -15.43 -14.90 -26.53
C VAL H 92 -14.22 -15.49 -25.80
N THR H 93 -13.96 -16.78 -26.01
CA THR H 93 -12.79 -17.43 -25.41
C THR H 93 -11.76 -17.78 -26.45
N GLY H 94 -10.54 -18.03 -25.97
CA GLY H 94 -9.44 -18.50 -26.79
C GLY H 94 -8.49 -17.40 -27.28
N ALA H 95 -8.56 -16.23 -26.65
CA ALA H 95 -7.78 -15.06 -27.08
C ALA H 95 -6.35 -15.07 -26.55
N TYR H 96 -6.17 -15.64 -25.37
CA TYR H 96 -4.87 -15.65 -24.67
C TYR H 96 -4.48 -17.05 -24.32
N ILE H 97 -3.18 -17.24 -24.09
CA ILE H 97 -2.64 -18.55 -23.69
C ILE H 97 -3.30 -19.00 -22.39
N LYS H 98 -3.44 -20.30 -22.26
CA LYS H 98 -4.27 -20.88 -21.21
C LYS H 98 -3.60 -20.80 -19.83
N PRO H 99 -4.41 -20.60 -18.77
CA PRO H 99 -3.90 -20.77 -17.43
C PRO H 99 -3.73 -22.26 -17.09
N THR H 100 -3.35 -22.53 -15.84
CA THR H 100 -3.21 -23.88 -15.34
C THR H 100 -4.10 -24.05 -14.13
N LEU H 101 -4.81 -25.18 -14.08
CA LEU H 101 -5.73 -25.49 -12.98
C LEU H 101 -5.17 -26.67 -12.17
N SER H 102 -5.42 -26.63 -10.87
CA SER H 102 -4.92 -27.64 -9.94
C SER H 102 -5.78 -27.69 -8.69
N ALA H 103 -5.76 -28.83 -8.00
CA ALA H 103 -6.54 -29.01 -6.76
C ALA H 103 -5.64 -29.06 -5.51
N GLN H 104 -5.88 -28.14 -4.56
CA GLN H 104 -5.22 -28.13 -3.25
C GLN H 104 -6.12 -28.78 -2.19
N PRO H 105 -5.64 -29.79 -1.48
CA PRO H 105 -4.30 -30.35 -1.61
C PRO H 105 -4.16 -31.43 -2.71
N SER H 106 -5.28 -31.93 -3.24
CA SER H 106 -5.24 -33.04 -4.19
C SER H 106 -6.59 -33.21 -4.91
N PRO H 107 -6.55 -33.67 -6.20
CA PRO H 107 -7.76 -33.90 -6.97
C PRO H 107 -8.63 -35.02 -6.46
N VAL H 108 -8.10 -35.87 -5.59
CA VAL H 108 -8.92 -36.90 -4.95
C VAL H 108 -9.58 -36.33 -3.68
N VAL H 109 -10.87 -36.60 -3.54
CA VAL H 109 -11.66 -36.15 -2.38
C VAL H 109 -12.62 -37.21 -1.89
N ASN H 110 -12.85 -37.21 -0.58
CA ASN H 110 -13.80 -38.12 0.05
C ASN H 110 -15.23 -37.60 -0.15
N SER H 111 -16.14 -38.51 -0.40
CA SER H 111 -17.54 -38.18 -0.67
C SER H 111 -18.11 -37.32 0.44
N GLY H 112 -18.63 -36.16 0.05
CA GLY H 112 -19.18 -35.18 0.99
C GLY H 112 -18.20 -34.09 1.39
N GLY H 113 -16.91 -34.31 1.11
CA GLY H 113 -15.87 -33.33 1.40
C GLY H 113 -15.80 -32.19 0.41
N ASN H 114 -14.93 -31.23 0.72
CA ASN H 114 -14.71 -30.04 -0.09
C ASN H 114 -13.25 -29.94 -0.52
N VAL H 115 -13.01 -29.32 -1.67
CA VAL H 115 -11.64 -29.11 -2.18
C VAL H 115 -11.48 -27.69 -2.70
N THR H 116 -10.23 -27.23 -2.72
CA THR H 116 -9.87 -25.94 -3.23
C THR H 116 -9.26 -26.08 -4.62
N LEU H 117 -9.85 -25.41 -5.60
CA LEU H 117 -9.31 -25.36 -6.94
C LEU H 117 -8.58 -24.04 -7.15
N GLN H 118 -7.41 -24.12 -7.78
CA GLN H 118 -6.55 -22.96 -7.99
C GLN H 118 -6.23 -22.76 -9.46
N CYS H 119 -6.63 -21.60 -9.98
CA CYS H 119 -6.36 -21.20 -11.35
C CYS H 119 -5.16 -20.26 -11.39
N ASP H 120 -4.10 -20.65 -12.12
CA ASP H 120 -2.86 -19.86 -12.25
C ASP H 120 -2.65 -19.40 -13.66
N SER H 121 -2.39 -18.10 -13.84
CA SER H 121 -2.09 -17.53 -15.14
C SER H 121 -0.68 -16.95 -15.18
N GLN H 122 0.10 -17.35 -16.17
CA GLN H 122 1.45 -16.80 -16.37
C GLN H 122 1.46 -15.42 -17.06
N VAL H 123 0.31 -15.07 -17.67
CA VAL H 123 0.07 -13.73 -18.15
C VAL H 123 -0.65 -12.99 -17.04
N ALA H 124 -0.18 -11.78 -16.75
CA ALA H 124 -0.78 -10.91 -15.72
C ALA H 124 -2.24 -10.59 -16.03
N PHE H 125 -3.13 -11.10 -15.19
CA PHE H 125 -4.56 -10.85 -15.30
C PHE H 125 -5.16 -10.72 -13.90
N ASP H 126 -6.32 -10.07 -13.81
CA ASP H 126 -7.03 -9.90 -12.54
C ASP H 126 -8.42 -10.50 -12.51
N GLY H 127 -8.85 -11.14 -13.60
CA GLY H 127 -10.15 -11.80 -13.66
C GLY H 127 -9.98 -13.30 -13.83
N PHE H 128 -10.78 -14.07 -13.08
CA PHE H 128 -10.69 -15.52 -13.14
C PHE H 128 -12.05 -16.19 -13.07
N ILE H 129 -12.26 -17.14 -13.98
CA ILE H 129 -13.52 -17.85 -14.12
C ILE H 129 -13.28 -19.33 -13.95
N LEU H 130 -14.15 -19.98 -13.20
CA LEU H 130 -14.12 -21.43 -13.08
C LEU H 130 -15.44 -21.98 -13.62
N CYS H 131 -15.37 -22.86 -14.62
CA CYS H 131 -16.57 -23.42 -15.25
C CYS H 131 -16.72 -24.92 -15.01
N LYS H 132 -17.80 -25.30 -14.34
CA LYS H 132 -18.21 -26.69 -14.15
C LYS H 132 -18.64 -27.29 -15.49
N GLU H 133 -17.99 -28.37 -15.87
CA GLU H 133 -18.20 -29.00 -17.17
C GLU H 133 -18.86 -30.36 -16.99
N GLY H 134 -19.38 -30.92 -18.07
CA GLY H 134 -20.02 -32.25 -18.07
C GLY H 134 -21.54 -32.20 -18.25
N PRO H 139 -23.80 -25.51 -18.78
CA PRO H 139 -22.41 -25.29 -18.33
C PRO H 139 -22.19 -23.95 -17.57
N GLN H 140 -22.24 -24.03 -16.23
CA GLN H 140 -22.26 -22.84 -15.34
C GLN H 140 -20.86 -22.45 -14.83
N CYS H 141 -20.65 -21.15 -14.62
CA CYS H 141 -19.35 -20.61 -14.21
C CYS H 141 -19.44 -19.64 -13.02
N LEU H 142 -18.39 -19.65 -12.20
CA LEU H 142 -18.23 -18.75 -11.05
C LEU H 142 -17.16 -17.72 -11.39
N ASN H 143 -17.23 -16.60 -10.69
CA ASN H 143 -16.37 -15.47 -10.95
C ASN H 143 -15.43 -15.27 -9.78
N SER H 144 -14.25 -14.72 -10.04
CA SER H 144 -13.31 -14.41 -8.99
C SER H 144 -12.21 -13.44 -9.43
N GLN H 145 -11.40 -13.04 -8.46
CA GLN H 145 -10.25 -12.15 -8.68
C GLN H 145 -9.16 -12.47 -7.64
N PRO H 146 -7.90 -12.08 -7.91
CA PRO H 146 -6.81 -12.57 -7.05
C PRO H 146 -6.93 -12.18 -5.57
N HIS H 147 -6.52 -13.09 -4.71
CA HIS H 147 -6.57 -12.94 -3.24
C HIS H 147 -5.33 -12.21 -2.68
N ALA H 148 -4.25 -12.18 -3.47
CA ALA H 148 -3.03 -11.46 -3.13
C ALA H 148 -2.88 -10.15 -3.91
N ARG H 149 -1.82 -9.40 -3.58
CA ARG H 149 -1.58 -8.03 -4.09
C ARG H 149 -1.26 -7.93 -5.58
N GLY H 150 -0.58 -8.93 -6.14
CA GLY H 150 -0.33 -8.95 -7.57
C GLY H 150 0.03 -10.33 -8.04
N SER H 151 -0.84 -11.31 -7.74
CA SER H 151 -0.51 -12.70 -7.95
C SER H 151 -0.77 -13.31 -9.33
N SER H 152 -1.88 -12.96 -9.99
CA SER H 152 -2.37 -13.69 -11.20
C SER H 152 -2.76 -15.12 -10.85
N ARG H 153 -3.55 -15.24 -9.79
CA ARG H 153 -3.94 -16.51 -9.23
C ARG H 153 -5.23 -16.34 -8.45
N ALA H 154 -6.18 -17.25 -8.70
CA ALA H 154 -7.47 -17.26 -8.00
C ALA H 154 -7.76 -18.62 -7.37
N ILE H 155 -8.52 -18.58 -6.27
CA ILE H 155 -8.82 -19.74 -5.46
C ILE H 155 -10.33 -19.96 -5.50
N PHE H 156 -10.76 -21.22 -5.55
CA PHE H 156 -12.17 -21.58 -5.56
C PHE H 156 -12.44 -22.74 -4.64
N SER H 157 -13.57 -22.72 -3.94
CA SER H 157 -14.02 -23.84 -3.10
C SER H 157 -15.21 -24.51 -3.74
N VAL H 158 -15.05 -25.77 -4.11
CA VAL H 158 -16.17 -26.55 -4.63
C VAL H 158 -16.48 -27.61 -3.60
N GLY H 159 -17.72 -28.10 -3.65
CA GLY H 159 -18.21 -29.11 -2.71
C GLY H 159 -19.40 -28.59 -1.92
N PRO H 160 -20.12 -29.45 -1.19
CA PRO H 160 -19.81 -30.88 -1.03
C PRO H 160 -19.96 -31.69 -2.32
N VAL H 161 -19.16 -32.75 -2.43
CA VAL H 161 -19.10 -33.57 -3.63
C VAL H 161 -19.77 -34.93 -3.40
N SER H 162 -20.16 -35.58 -4.49
CA SER H 162 -20.86 -36.87 -4.48
C SER H 162 -20.35 -37.80 -5.57
N PRO H 163 -20.24 -39.11 -5.25
CA PRO H 163 -19.73 -40.08 -6.21
C PRO H 163 -20.68 -40.38 -7.37
N SER H 164 -21.90 -39.85 -7.31
CA SER H 164 -22.87 -40.03 -8.38
C SER H 164 -22.60 -39.04 -9.52
N ARG H 165 -22.84 -37.76 -9.24
CA ARG H 165 -22.62 -36.71 -10.23
C ARG H 165 -21.12 -36.49 -10.45
N ARG H 166 -20.77 -35.96 -11.61
CA ARG H 166 -19.36 -35.71 -11.96
C ARG H 166 -18.92 -34.27 -11.62
N TRP H 167 -17.63 -34.12 -11.33
CA TRP H 167 -17.07 -32.86 -10.84
C TRP H 167 -15.85 -32.45 -11.67
N TRP H 168 -16.15 -31.86 -12.83
CA TRP H 168 -15.15 -31.53 -13.85
C TRP H 168 -15.08 -30.02 -14.01
N TYR H 169 -13.88 -29.48 -14.23
CA TYR H 169 -13.69 -28.04 -14.31
C TYR H 169 -12.67 -27.63 -15.35
N ARG H 170 -12.84 -26.42 -15.87
CA ARG H 170 -11.81 -25.71 -16.60
C ARG H 170 -11.80 -24.31 -16.06
N CYS H 171 -10.68 -23.61 -16.12
CA CYS H 171 -10.64 -22.21 -15.69
C CYS H 171 -10.13 -21.28 -16.77
N TYR H 172 -10.42 -20.00 -16.57
CA TYR H 172 -10.07 -18.93 -17.50
C TYR H 172 -9.49 -17.75 -16.73
N ALA H 173 -8.59 -17.04 -17.38
CA ALA H 173 -8.11 -15.75 -16.89
C ALA H 173 -8.60 -14.68 -17.85
N TYR H 174 -8.78 -13.46 -17.33
CA TYR H 174 -9.20 -12.33 -18.15
C TYR H 174 -8.85 -10.98 -17.51
N ASP H 175 -8.87 -9.95 -18.35
CA ASP H 175 -8.69 -8.56 -17.90
C ASP H 175 -10.03 -8.01 -17.46
N SER H 176 -10.10 -7.41 -16.26
CA SER H 176 -11.37 -6.92 -15.71
C SER H 176 -12.01 -5.80 -16.53
N ASN H 177 -11.18 -5.10 -17.30
CA ASN H 177 -11.64 -4.05 -18.22
C ASN H 177 -12.03 -4.57 -19.62
N SER H 178 -11.98 -5.88 -19.82
CA SER H 178 -12.55 -6.56 -20.98
C SER H 178 -13.10 -7.87 -20.49
N PRO H 179 -14.13 -7.83 -19.62
CA PRO H 179 -14.53 -9.04 -18.90
C PRO H 179 -15.26 -10.09 -19.74
N TYR H 180 -15.34 -9.88 -21.06
CA TYR H 180 -16.00 -10.81 -21.97
C TYR H 180 -15.04 -11.42 -22.99
N GLU H 181 -13.74 -11.11 -22.86
CA GLU H 181 -12.68 -11.77 -23.61
C GLU H 181 -11.87 -12.58 -22.64
N TRP H 182 -11.97 -13.90 -22.75
CA TRP H 182 -11.26 -14.82 -21.89
C TRP H 182 -10.11 -15.52 -22.61
N SER H 183 -9.18 -16.01 -21.78
CA SER H 183 -8.09 -16.87 -22.21
C SER H 183 -8.63 -18.14 -22.85
N LEU H 184 -7.74 -18.94 -23.41
CA LEU H 184 -8.05 -20.33 -23.69
C LEU H 184 -8.37 -20.97 -22.34
N PRO H 185 -9.21 -22.00 -22.35
CA PRO H 185 -9.45 -22.69 -21.10
C PRO H 185 -8.25 -23.49 -20.64
N SER H 186 -8.13 -23.68 -19.34
CA SER H 186 -7.19 -24.65 -18.79
C SER H 186 -7.62 -26.07 -19.18
N ASP H 187 -6.66 -26.98 -19.23
CA ASP H 187 -6.98 -28.40 -19.38
C ASP H 187 -8.06 -28.82 -18.39
N LEU H 188 -8.84 -29.81 -18.78
CA LEU H 188 -9.90 -30.34 -17.93
C LEU H 188 -9.29 -30.92 -16.66
N LEU H 189 -9.80 -30.48 -15.51
CA LEU H 189 -9.47 -31.05 -14.19
C LEU H 189 -10.67 -31.84 -13.65
N GLU H 190 -10.51 -33.15 -13.54
CA GLU H 190 -11.55 -34.04 -13.03
C GLU H 190 -11.27 -34.27 -11.56
N LEU H 191 -12.28 -34.12 -10.72
CA LEU H 191 -12.13 -34.49 -9.31
C LEU H 191 -12.52 -35.95 -9.16
N LEU H 192 -11.61 -36.74 -8.57
CA LEU H 192 -11.90 -38.14 -8.25
C LEU H 192 -12.56 -38.22 -6.88
N VAL H 193 -13.88 -38.34 -6.87
CA VAL H 193 -14.64 -38.43 -5.62
C VAL H 193 -15.01 -39.88 -5.32
N LEU H 194 -14.47 -40.41 -4.22
CA LEU H 194 -14.75 -41.78 -3.82
C LEU H 194 -15.72 -41.82 -2.64
N GLY H 195 -16.76 -42.63 -2.77
CA GLY H 195 -17.76 -42.76 -1.72
C GLY H 195 -17.49 -43.94 -0.81
#